data_4KZ3
#
_entry.id   4KZ3
#
_cell.length_a   117.990
_cell.length_b   77.360
_cell.length_c   97.730
_cell.angle_alpha   90.000
_cell.angle_beta   116.190
_cell.angle_gamma   90.000
#
_symmetry.space_group_name_H-M   'C 1 2 1'
#
loop_
_entity.id
_entity.type
_entity.pdbx_description
1 polymer Beta-lactamase
2 non-polymer '5-chloro-3-sulfamoylthiophene-2-carboxylic acid'
3 non-polymer 'PHOSPHATE ION'
4 water water
#
_entity_poly.entity_id   1
_entity_poly.type   'polypeptide(L)'
_entity_poly.pdbx_seq_one_letter_code
;APQQINDIVHRTITPLIEQQKIPGMAVAVIYQGKPYYFTWGYADIAKKQPVTQQTLFELGSVSKTFTGVLGGDAIARGEI
KLSDPTTKYWPELTAKQWNGITLLHLATYTAGGLPLQVPDEVKSSSDLLRFYQNWQPAWAPGTQRLYANSSIGLFGALAV
KPSGLSFEQAMQTRVFQPLKLNHTWINVPPAEEKNYAWGYREGKAVHVSPGALDAEAYGVKSTIEDMARWVQSNLKPLDI
NEKTLQQGIQLAQSRYWQTGDMYQGLGWEMLDWPVNPDSIINGSDNKIALAARPVKAITPPTPAVRASWVHKTGATGGFG
SYVAFIPEKELGIVMLANKNYPNPARVDAAWQILNALQ
;
_entity_poly.pdbx_strand_id   A,B
#
loop_
_chem_comp.id
_chem_comp.type
_chem_comp.name
_chem_comp.formula
1U1 non-polymer '5-chloro-3-sulfamoylthiophene-2-carboxylic acid' 'C5 H4 Cl N O4 S2'
PO4 non-polymer 'PHOSPHATE ION' 'O4 P -3'
#
# COMPACT_ATOMS: atom_id res chain seq x y z
N ALA A 1 -21.36 -29.91 5.46
CA ALA A 1 -21.18 -28.96 4.37
C ALA A 1 -22.19 -29.23 3.26
N PRO A 2 -22.36 -28.27 2.33
CA PRO A 2 -23.14 -28.61 1.14
C PRO A 2 -22.58 -29.87 0.49
N GLN A 3 -23.45 -30.71 -0.07
CA GLN A 3 -22.99 -31.97 -0.65
C GLN A 3 -21.94 -31.76 -1.73
N GLN A 4 -22.04 -30.68 -2.48
CA GLN A 4 -21.09 -30.38 -3.52
C GLN A 4 -19.69 -30.22 -2.98
N ILE A 5 -19.56 -29.49 -1.87
CA ILE A 5 -18.24 -29.31 -1.28
C ILE A 5 -17.79 -30.65 -0.72
N ASN A 6 -18.68 -31.33 0.00
CA ASN A 6 -18.34 -32.65 0.54
C ASN A 6 -17.77 -33.53 -0.57
N ASP A 7 -18.51 -33.60 -1.66
CA ASP A 7 -18.16 -34.51 -2.77
C ASP A 7 -16.82 -34.15 -3.37
N ILE A 8 -16.63 -32.88 -3.77
N ILE A 8 -16.69 -32.88 -3.74
CA ILE A 8 -15.31 -32.55 -4.33
CA ILE A 8 -15.45 -32.34 -4.28
C ILE A 8 -14.17 -32.76 -3.35
C ILE A 8 -14.22 -32.60 -3.39
N VAL A 9 -14.34 -32.35 -2.08
CA VAL A 9 -13.25 -32.55 -1.16
C VAL A 9 -12.96 -34.06 -0.98
N HIS A 10 -14.01 -34.86 -0.76
CA HIS A 10 -13.73 -36.28 -0.52
C HIS A 10 -13.16 -36.96 -1.76
N ARG A 11 -13.70 -36.64 -2.93
CA ARG A 11 -13.20 -37.24 -4.18
C ARG A 11 -11.73 -36.93 -4.48
N THR A 12 -11.24 -35.82 -3.93
CA THR A 12 -9.91 -35.36 -4.22
C THR A 12 -8.92 -35.86 -3.17
N ILE A 13 -9.30 -35.77 -1.88
CA ILE A 13 -8.37 -36.00 -0.78
C ILE A 13 -8.24 -37.49 -0.44
N THR A 14 -9.31 -38.26 -0.58
CA THR A 14 -9.24 -39.70 -0.37
C THR A 14 -8.12 -40.37 -1.18
N PRO A 15 -8.10 -40.16 -2.50
CA PRO A 15 -7.03 -40.81 -3.27
C PRO A 15 -5.65 -40.22 -2.94
N LEU A 16 -5.61 -38.93 -2.59
CA LEU A 16 -4.37 -38.27 -2.23
C LEU A 16 -3.75 -38.96 -1.00
N ILE A 17 -4.56 -39.17 0.01
CA ILE A 17 -4.08 -39.80 1.23
C ILE A 17 -3.60 -41.22 0.96
N GLU A 18 -4.35 -41.95 0.12
CA GLU A 18 -3.97 -43.30 -0.25
C GLU A 18 -2.68 -43.32 -1.06
N GLN A 19 -2.58 -42.44 -2.06
CA GLN A 19 -1.40 -42.42 -2.93
C GLN A 19 -0.15 -41.98 -2.14
N GLN A 20 -0.30 -41.04 -1.21
CA GLN A 20 0.85 -40.48 -0.52
C GLN A 20 1.12 -41.14 0.83
N LYS A 21 0.27 -42.09 1.20
CA LYS A 21 0.37 -42.75 2.52
C LYS A 21 0.47 -41.74 3.65
N ILE A 22 -0.43 -40.76 3.62
CA ILE A 22 -0.48 -39.71 4.65
C ILE A 22 -1.18 -40.25 5.89
N PRO A 23 -0.54 -40.14 7.08
CA PRO A 23 -1.19 -40.76 8.25
C PRO A 23 -2.41 -40.02 8.74
N GLY A 24 -2.40 -38.70 8.64
CA GLY A 24 -3.50 -37.91 9.15
C GLY A 24 -3.55 -36.60 8.37
N MET A 25 -4.75 -36.08 8.14
CA MET A 25 -4.90 -34.87 7.39
C MET A 25 -6.11 -34.09 7.87
N ALA A 26 -5.98 -32.76 7.90
CA ALA A 26 -7.14 -31.89 8.08
C ALA A 26 -7.27 -30.94 6.90
N VAL A 27 -8.49 -30.68 6.45
CA VAL A 27 -8.69 -29.74 5.34
C VAL A 27 -9.79 -28.75 5.73
N ALA A 28 -9.60 -27.47 5.44
CA ALA A 28 -10.70 -26.50 5.52
C ALA A 28 -10.90 -25.90 4.14
N VAL A 29 -12.16 -25.81 3.74
CA VAL A 29 -12.51 -25.07 2.56
C VAL A 29 -13.22 -23.82 3.05
N ILE A 30 -12.81 -22.68 2.53
CA ILE A 30 -13.56 -21.46 2.81
C ILE A 30 -14.37 -21.16 1.57
N TYR A 31 -15.69 -21.13 1.71
CA TYR A 31 -16.56 -21.03 0.56
C TYR A 31 -17.57 -19.93 0.81
N GLN A 32 -17.66 -18.98 -0.11
CA GLN A 32 -18.42 -17.76 0.15
C GLN A 32 -18.07 -17.23 1.55
N GLY A 33 -16.79 -17.26 1.90
CA GLY A 33 -16.40 -16.76 3.21
C GLY A 33 -16.63 -17.63 4.45
N LYS A 34 -17.34 -18.77 4.35
CA LYS A 34 -17.61 -19.63 5.52
C LYS A 34 -16.73 -20.89 5.49
N PRO A 35 -16.29 -21.36 6.67
CA PRO A 35 -15.38 -22.51 6.63
C PRO A 35 -16.12 -23.84 6.79
N TYR A 36 -15.56 -24.87 6.15
CA TYR A 36 -16.09 -26.23 6.22
C TYR A 36 -14.90 -27.15 6.44
N TYR A 37 -15.03 -28.06 7.41
CA TYR A 37 -13.87 -28.81 7.86
C TYR A 37 -14.00 -30.28 7.55
N PHE A 38 -12.85 -30.93 7.32
CA PHE A 38 -12.79 -32.34 6.99
C PHE A 38 -11.55 -32.90 7.66
N THR A 39 -11.66 -34.10 8.23
CA THR A 39 -10.52 -34.71 8.90
C THR A 39 -10.45 -36.20 8.57
N TRP A 40 -9.21 -36.71 8.55
CA TRP A 40 -8.95 -38.12 8.26
C TRP A 40 -7.79 -38.60 9.11
N GLY A 41 -7.84 -39.88 9.53
CA GLY A 41 -6.63 -40.56 9.91
C GLY A 41 -6.14 -40.14 11.28
N TYR A 42 -4.81 -40.19 11.46
CA TYR A 42 -4.23 -40.25 12.81
C TYR A 42 -3.29 -39.10 13.08
N ALA A 43 -3.47 -38.46 14.23
CA ALA A 43 -2.47 -37.49 14.71
C ALA A 43 -1.30 -38.20 15.36
N ASP A 44 -1.58 -39.34 15.97
CA ASP A 44 -0.55 -40.14 16.64
C ASP A 44 -0.92 -41.58 16.38
N ILE A 45 -0.13 -42.26 15.54
CA ILE A 45 -0.43 -43.63 15.13
C ILE A 45 -0.30 -44.58 16.32
N ALA A 46 0.79 -44.47 17.07
CA ALA A 46 1.00 -45.38 18.20
C ALA A 46 -0.09 -45.31 19.27
N LYS A 47 -0.52 -44.10 19.61
CA LYS A 47 -1.52 -43.93 20.65
C LYS A 47 -2.93 -43.91 20.07
N LYS A 48 -3.02 -44.17 18.76
CA LYS A 48 -4.32 -44.25 18.06
C LYS A 48 -5.20 -43.00 18.21
N GLN A 49 -4.55 -41.83 18.23
CA GLN A 49 -5.26 -40.56 18.40
C GLN A 49 -5.65 -40.06 17.01
N PRO A 50 -6.94 -39.83 16.79
CA PRO A 50 -7.39 -39.36 15.48
C PRO A 50 -7.07 -37.88 15.25
N VAL A 51 -6.99 -37.46 14.00
CA VAL A 51 -6.95 -36.03 13.69
C VAL A 51 -8.34 -35.47 13.98
N THR A 52 -8.38 -34.32 14.64
CA THR A 52 -9.64 -33.61 14.85
C THR A 52 -9.46 -32.15 14.44
N GLN A 53 -10.51 -31.37 14.62
CA GLN A 53 -10.43 -29.94 14.27
C GLN A 53 -9.56 -29.21 15.28
N GLN A 54 -9.21 -29.88 16.38
N GLN A 54 -9.19 -29.85 16.38
CA GLN A 54 -8.37 -29.31 17.43
CA GLN A 54 -8.31 -29.20 17.36
C GLN A 54 -6.90 -29.73 17.32
C GLN A 54 -6.87 -29.71 17.31
N THR A 55 -6.60 -30.61 16.37
CA THR A 55 -5.24 -31.12 16.24
C THR A 55 -4.28 -30.00 15.79
N LEU A 56 -3.13 -29.92 16.46
CA LEU A 56 -2.07 -29.01 16.05
C LEU A 56 -1.14 -29.69 15.06
N PHE A 57 -0.88 -29.03 13.94
CA PHE A 57 0.10 -29.47 12.95
C PHE A 57 1.23 -28.42 12.84
N GLU A 58 2.42 -28.86 12.52
CA GLU A 58 3.48 -27.93 12.22
C GLU A 58 3.23 -27.34 10.85
N LEU A 59 3.30 -26.01 10.76
CA LEU A 59 3.05 -25.36 9.49
C LEU A 59 4.26 -25.25 8.62
N GLY A 60 5.44 -25.43 9.20
CA GLY A 60 6.66 -25.21 8.47
C GLY A 60 6.66 -23.83 7.81
N SER A 61 7.03 -23.77 6.53
CA SER A 61 7.21 -22.48 5.89
C SER A 61 5.94 -21.66 5.72
N VAL A 62 4.78 -22.25 5.98
CA VAL A 62 3.53 -21.44 6.01
C VAL A 62 3.65 -20.42 7.15
N SER A 63 4.52 -20.71 8.11
CA SER A 63 4.84 -19.70 9.12
C SER A 63 5.28 -18.39 8.53
N LYS A 64 5.94 -18.41 7.37
CA LYS A 64 6.47 -17.17 6.77
C LYS A 64 5.35 -16.18 6.44
N THR A 65 4.14 -16.68 6.21
CA THR A 65 2.99 -15.79 6.01
C THR A 65 2.68 -14.99 7.28
N PHE A 66 2.76 -15.60 8.44
CA PHE A 66 2.61 -14.85 9.68
C PHE A 66 3.75 -13.87 9.86
N THR A 67 4.99 -14.29 9.57
CA THR A 67 6.12 -13.36 9.70
C THR A 67 5.94 -12.19 8.74
N GLY A 68 5.41 -12.45 7.54
CA GLY A 68 5.25 -11.39 6.55
C GLY A 68 4.22 -10.37 7.02
N VAL A 69 3.11 -10.87 7.53
CA VAL A 69 2.05 -9.99 8.06
C VAL A 69 2.52 -9.24 9.30
N LEU A 70 3.27 -9.90 10.19
CA LEU A 70 3.76 -9.20 11.38
C LEU A 70 4.67 -8.05 10.95
N GLY A 71 5.55 -8.31 9.97
CA GLY A 71 6.40 -7.25 9.41
C GLY A 71 5.57 -6.15 8.80
N GLY A 72 4.57 -6.53 8.02
CA GLY A 72 3.64 -5.57 7.45
C GLY A 72 3.02 -4.68 8.52
N ASP A 73 2.63 -5.29 9.62
CA ASP A 73 2.04 -4.55 10.73
C ASP A 73 3.03 -3.55 11.35
N ALA A 74 4.31 -3.94 11.44
CA ALA A 74 5.34 -3.06 11.99
C ALA A 74 5.57 -1.88 11.03
N ILE A 75 5.48 -2.14 9.73
CA ILE A 75 5.58 -1.07 8.74
C ILE A 75 4.42 -0.08 8.92
N ALA A 76 3.20 -0.64 8.97
CA ALA A 76 2.00 0.18 9.18
C ALA A 76 2.07 1.01 10.47
N ARG A 77 2.72 0.45 11.48
CA ARG A 77 2.93 1.20 12.74
C ARG A 77 3.98 2.31 12.65
N GLY A 78 4.74 2.36 11.57
CA GLY A 78 5.79 3.36 11.43
C GLY A 78 7.07 2.92 12.18
N GLU A 79 7.13 1.65 12.60
CA GLU A 79 8.29 1.17 13.35
C GLU A 79 9.50 0.86 12.49
N ILE A 80 9.21 0.33 11.30
CA ILE A 80 10.21 -0.01 10.30
C ILE A 80 9.73 0.42 8.90
N LYS A 81 10.68 0.53 7.98
CA LYS A 81 10.39 0.69 6.55
C LYS A 81 11.06 -0.40 5.76
N LEU A 82 10.38 -0.94 4.74
CA LEU A 82 11.08 -1.92 3.88
C LEU A 82 12.31 -1.36 3.13
N SER A 83 12.35 -0.05 2.94
CA SER A 83 13.48 0.62 2.32
C SER A 83 14.66 0.81 3.29
N ASP A 84 14.46 0.52 4.57
CA ASP A 84 15.56 0.74 5.55
C ASP A 84 16.71 -0.24 5.26
N PRO A 85 17.96 0.21 5.37
CA PRO A 85 19.12 -0.69 5.34
C PRO A 85 19.02 -1.66 6.49
N THR A 86 19.49 -2.88 6.26
CA THR A 86 19.45 -3.90 7.30
C THR A 86 20.24 -3.40 8.52
N THR A 87 21.33 -2.71 8.26
CA THR A 87 22.23 -2.24 9.33
C THR A 87 21.59 -1.20 10.25
N LYS A 88 20.50 -0.60 9.82
CA LYS A 88 19.80 0.32 10.69
C LYS A 88 19.31 -0.40 11.96
N TYR A 89 18.93 -1.68 11.81
CA TYR A 89 18.40 -2.47 12.92
C TYR A 89 19.41 -3.43 13.54
N TRP A 90 20.58 -3.53 12.93
CA TRP A 90 21.63 -4.40 13.41
C TRP A 90 22.94 -3.67 13.11
N PRO A 91 23.26 -2.64 13.90
CA PRO A 91 24.43 -1.81 13.60
C PRO A 91 25.74 -2.58 13.62
N GLU A 92 25.78 -3.70 14.36
CA GLU A 92 26.97 -4.57 14.42
C GLU A 92 27.24 -5.29 13.07
N LEU A 93 26.27 -5.29 12.19
CA LEU A 93 26.47 -5.86 10.87
C LEU A 93 27.25 -4.88 10.00
N THR A 94 28.55 -4.79 10.19
CA THR A 94 29.34 -3.73 9.59
C THR A 94 30.00 -4.15 8.29
N ALA A 95 29.95 -5.43 7.95
CA ALA A 95 30.68 -5.86 6.76
C ALA A 95 30.12 -5.19 5.47
N LYS A 96 31.00 -4.86 4.54
CA LYS A 96 30.65 -4.00 3.40
C LYS A 96 29.62 -4.56 2.43
N GLN A 97 29.52 -5.88 2.38
CA GLN A 97 28.58 -6.48 1.48
C GLN A 97 27.13 -6.15 1.89
N TRP A 98 26.93 -5.67 3.12
CA TRP A 98 25.59 -5.34 3.59
C TRP A 98 25.11 -3.97 3.11
N ASN A 99 26.05 -3.15 2.64
CA ASN A 99 25.66 -1.87 2.08
C ASN A 99 24.73 -2.08 0.91
N GLY A 100 23.50 -1.59 1.02
CA GLY A 100 22.58 -1.69 -0.08
C GLY A 100 21.59 -2.83 0.08
N ILE A 101 21.73 -3.65 1.13
CA ILE A 101 20.77 -4.73 1.38
C ILE A 101 19.73 -4.24 2.38
N THR A 102 18.49 -4.11 1.92
CA THR A 102 17.42 -3.55 2.75
C THR A 102 16.52 -4.61 3.38
N LEU A 103 15.65 -4.18 4.29
CA LEU A 103 14.67 -5.10 4.86
C LEU A 103 13.82 -5.74 3.74
N LEU A 104 13.51 -4.99 2.67
CA LEU A 104 12.78 -5.59 1.57
C LEU A 104 13.53 -6.79 0.99
N HIS A 105 14.85 -6.64 0.77
CA HIS A 105 15.59 -7.79 0.24
C HIS A 105 15.54 -8.99 1.16
N LEU A 106 15.67 -8.78 2.47
CA LEU A 106 15.60 -9.90 3.36
C LEU A 106 14.24 -10.56 3.30
N ALA A 107 13.21 -9.73 3.29
CA ALA A 107 11.86 -10.27 3.37
C ALA A 107 11.48 -11.10 2.15
N THR A 108 12.12 -10.82 1.01
CA THR A 108 11.67 -11.36 -0.27
C THR A 108 12.68 -12.27 -0.93
N TYR A 109 13.73 -12.61 -0.18
CA TYR A 109 14.76 -13.59 -0.61
C TYR A 109 15.67 -13.04 -1.73
N THR A 110 15.78 -11.70 -1.82
CA THR A 110 16.51 -11.07 -2.92
C THR A 110 17.77 -10.35 -2.45
N ALA A 111 18.31 -10.72 -1.29
CA ALA A 111 19.52 -10.04 -0.80
C ALA A 111 20.79 -10.38 -1.54
N GLY A 112 20.76 -11.46 -2.32
CA GLY A 112 21.88 -11.77 -3.18
C GLY A 112 22.48 -13.15 -2.89
N GLY A 113 21.65 -14.08 -2.44
CA GLY A 113 22.09 -15.46 -2.22
C GLY A 113 22.29 -15.91 -0.78
N LEU A 114 21.55 -15.34 0.15
CA LEU A 114 21.55 -15.86 1.52
C LEU A 114 21.02 -17.32 1.43
N PRO A 115 21.60 -18.23 2.22
CA PRO A 115 21.30 -19.65 1.99
C PRO A 115 19.95 -20.12 2.53
N LEU A 116 19.48 -21.23 1.96
CA LEU A 116 18.19 -21.76 2.34
C LEU A 116 18.14 -21.99 3.84
N GLN A 117 19.21 -22.58 4.37
CA GLN A 117 19.25 -22.96 5.78
C GLN A 117 20.31 -22.17 6.54
N VAL A 118 19.97 -21.78 7.78
CA VAL A 118 20.99 -21.27 8.69
C VAL A 118 21.78 -22.49 9.13
N PRO A 119 23.11 -22.42 9.12
CA PRO A 119 23.85 -23.66 9.47
C PRO A 119 23.54 -24.16 10.89
N ASP A 120 23.52 -25.49 11.04
N ASP A 120 23.52 -25.49 11.08
CA ASP A 120 23.24 -26.14 12.32
CA ASP A 120 23.13 -26.01 12.37
C ASP A 120 24.13 -25.59 13.41
C ASP A 120 24.16 -25.70 13.45
N GLU A 121 25.38 -25.34 13.03
CA GLU A 121 26.39 -24.96 13.99
C GLU A 121 26.10 -23.58 14.59
N VAL A 122 25.23 -22.83 13.95
CA VAL A 122 24.90 -21.51 14.47
C VAL A 122 23.85 -21.64 15.59
N LYS A 123 24.27 -21.43 16.84
CA LYS A 123 23.32 -21.44 17.95
C LYS A 123 23.11 -20.02 18.50
N SER A 124 24.14 -19.54 19.19
CA SER A 124 24.12 -18.28 19.92
C SER A 124 23.85 -17.06 19.06
N SER A 125 23.64 -15.93 19.71
CA SER A 125 23.37 -14.68 19.02
C SER A 125 24.65 -14.22 18.31
N SER A 126 25.77 -14.49 18.95
CA SER A 126 27.07 -14.16 18.39
C SER A 126 27.43 -15.06 17.20
N ASP A 127 27.04 -16.33 17.25
CA ASP A 127 27.18 -17.23 16.10
C ASP A 127 26.42 -16.67 14.90
N LEU A 128 25.22 -16.15 15.15
CA LEU A 128 24.37 -15.58 14.11
C LEU A 128 25.01 -14.37 13.45
N LEU A 129 25.51 -13.44 14.29
CA LEU A 129 26.21 -12.24 13.78
C LEU A 129 27.40 -12.66 12.94
N ARG A 130 28.19 -13.56 13.48
CA ARG A 130 29.36 -14.02 12.75
C ARG A 130 28.99 -14.63 11.37
N PHE A 131 27.96 -15.47 11.35
CA PHE A 131 27.45 -16.02 10.09
C PHE A 131 27.05 -14.93 9.05
N TYR A 132 26.26 -13.96 9.46
CA TYR A 132 25.84 -12.93 8.51
C TYR A 132 27.01 -12.01 8.11
N GLN A 133 27.91 -11.72 9.05
CA GLN A 133 29.06 -10.89 8.74
C GLN A 133 29.96 -11.56 7.70
N ASN A 134 30.07 -12.88 7.80
CA ASN A 134 30.98 -13.61 6.93
C ASN A 134 30.37 -14.05 5.58
N TRP A 135 29.05 -13.99 5.49
CA TRP A 135 28.35 -14.43 4.29
C TRP A 135 28.72 -13.55 3.11
N GLN A 136 29.02 -14.17 1.97
CA GLN A 136 29.38 -13.43 0.76
C GLN A 136 28.30 -13.62 -0.29
N PRO A 137 27.71 -12.52 -0.76
CA PRO A 137 26.66 -12.63 -1.77
C PRO A 137 27.22 -13.08 -3.11
N ALA A 138 26.45 -13.92 -3.80
CA ALA A 138 26.75 -14.32 -5.16
C ALA A 138 26.35 -13.22 -6.12
N TRP A 139 25.33 -12.46 -5.72
CA TRP A 139 24.73 -11.51 -6.64
C TRP A 139 24.49 -10.17 -5.97
N ALA A 140 24.37 -9.13 -6.78
CA ALA A 140 23.96 -7.82 -6.26
C ALA A 140 22.57 -7.91 -5.69
N PRO A 141 22.27 -7.03 -4.72
CA PRO A 141 20.94 -7.05 -4.13
C PRO A 141 19.87 -6.81 -5.18
N GLY A 142 18.73 -7.46 -5.00
CA GLY A 142 17.59 -7.16 -5.84
C GLY A 142 17.71 -7.60 -7.27
N THR A 143 18.45 -8.67 -7.50
CA THR A 143 18.63 -9.18 -8.85
C THR A 143 18.22 -10.64 -8.99
N GLN A 144 18.40 -11.43 -7.93
CA GLN A 144 18.00 -12.85 -7.95
C GLN A 144 17.28 -13.24 -6.69
N ARG A 145 16.30 -14.11 -6.87
CA ARG A 145 15.53 -14.65 -5.75
C ARG A 145 16.07 -16.06 -5.44
N LEU A 146 16.38 -16.30 -4.17
CA LEU A 146 16.77 -17.65 -3.73
C LEU A 146 16.04 -17.87 -2.41
N TYR A 147 15.03 -18.73 -2.44
CA TYR A 147 14.18 -18.94 -1.26
C TYR A 147 15.07 -19.33 -0.10
N ALA A 148 14.85 -18.70 1.07
CA ALA A 148 15.87 -18.84 2.13
C ALA A 148 15.30 -18.53 3.52
N ASN A 149 15.40 -19.50 4.41
CA ASN A 149 15.02 -19.24 5.80
C ASN A 149 15.92 -18.21 6.42
N SER A 150 17.19 -18.20 6.04
CA SER A 150 18.13 -17.22 6.63
C SER A 150 17.84 -15.80 6.22
N SER A 151 17.04 -15.64 5.16
CA SER A 151 16.69 -14.32 4.64
C SER A 151 15.46 -13.80 5.38
N ILE A 152 14.32 -14.48 5.20
CA ILE A 152 13.10 -13.99 5.85
C ILE A 152 13.17 -14.16 7.35
N GLY A 153 13.97 -15.13 7.80
CA GLY A 153 14.11 -15.30 9.25
C GLY A 153 14.74 -14.06 9.88
N LEU A 154 15.75 -13.51 9.22
CA LEU A 154 16.43 -12.33 9.74
C LEU A 154 15.50 -11.11 9.64
N PHE A 155 14.73 -11.04 8.55
CA PHE A 155 13.72 -9.98 8.42
C PHE A 155 12.80 -10.00 9.64
N GLY A 156 12.29 -11.18 9.99
CA GLY A 156 11.38 -11.26 11.12
C GLY A 156 12.01 -10.81 12.42
N ALA A 157 13.24 -11.24 12.65
CA ALA A 157 13.88 -10.86 13.89
C ALA A 157 14.12 -9.34 13.94
N LEU A 158 14.50 -8.74 12.81
CA LEU A 158 14.81 -7.30 12.83
C LEU A 158 13.50 -6.50 12.89
N ALA A 159 12.46 -7.00 12.25
CA ALA A 159 11.20 -6.24 12.11
C ALA A 159 10.65 -5.89 13.48
N VAL A 160 10.86 -6.79 14.45
CA VAL A 160 10.30 -6.55 15.79
C VAL A 160 11.22 -5.77 16.74
N LYS A 161 12.43 -5.41 16.31
CA LYS A 161 13.34 -4.75 17.24
C LYS A 161 12.82 -3.40 17.80
N PRO A 162 12.25 -2.54 16.94
CA PRO A 162 11.80 -1.28 17.53
C PRO A 162 10.69 -1.43 18.58
N SER A 163 9.88 -2.48 18.48
CA SER A 163 8.84 -2.70 19.46
C SER A 163 9.46 -3.08 20.81
N GLY A 164 10.69 -3.59 20.81
CA GLY A 164 11.29 -4.08 22.04
C GLY A 164 10.76 -5.44 22.49
N LEU A 165 9.77 -5.96 21.76
CA LEU A 165 9.15 -7.24 22.13
C LEU A 165 9.93 -8.39 21.54
N SER A 166 9.83 -9.57 22.16
CA SER A 166 10.44 -10.72 21.54
C SER A 166 9.61 -11.00 20.28
N PHE A 167 10.16 -11.79 19.37
CA PHE A 167 9.39 -12.15 18.17
C PHE A 167 8.08 -12.85 18.55
N GLU A 168 8.16 -13.79 19.46
CA GLU A 168 6.98 -14.52 19.90
C GLU A 168 5.95 -13.58 20.55
N GLN A 169 6.41 -12.71 21.45
CA GLN A 169 5.49 -11.79 22.11
C GLN A 169 4.83 -10.84 21.10
N ALA A 170 5.60 -10.32 20.12
CA ALA A 170 5.01 -9.46 19.11
C ALA A 170 3.98 -10.23 18.27
N MET A 171 4.33 -11.43 17.86
CA MET A 171 3.40 -12.25 17.09
C MET A 171 2.11 -12.53 17.85
N GLN A 172 2.22 -12.87 19.12
CA GLN A 172 1.01 -13.15 19.94
C GLN A 172 0.14 -11.93 20.06
N THR A 173 0.76 -10.80 20.43
CA THR A 173 -0.05 -9.63 20.80
C THR A 173 -0.59 -8.91 19.58
N ARG A 174 0.19 -8.94 18.50
CA ARG A 174 -0.12 -8.16 17.31
C ARG A 174 -0.83 -8.91 16.23
N VAL A 175 -0.71 -10.25 16.21
CA VAL A 175 -1.32 -11.00 15.12
C VAL A 175 -2.28 -12.08 15.64
N PHE A 176 -1.76 -12.99 16.47
CA PHE A 176 -2.61 -14.11 16.93
C PHE A 176 -3.82 -13.64 17.74
N GLN A 177 -3.56 -12.81 18.76
CA GLN A 177 -4.63 -12.35 19.65
C GLN A 177 -5.75 -11.55 18.94
N PRO A 178 -5.41 -10.52 18.15
CA PRO A 178 -6.46 -9.73 17.48
C PRO A 178 -7.32 -10.58 16.51
N LEU A 179 -6.73 -11.63 15.94
CA LEU A 179 -7.37 -12.51 14.95
C LEU A 179 -8.06 -13.70 15.61
N LYS A 180 -8.01 -13.74 16.94
CA LYS A 180 -8.57 -14.84 17.72
C LYS A 180 -8.03 -16.20 17.32
N LEU A 181 -6.74 -16.24 17.06
CA LEU A 181 -6.08 -17.49 16.73
C LEU A 181 -5.55 -17.98 18.07
N ASN A 182 -6.44 -18.52 18.88
CA ASN A 182 -6.12 -18.88 20.25
C ASN A 182 -5.58 -20.30 20.41
N HIS A 183 -5.38 -20.98 19.28
CA HIS A 183 -4.77 -22.32 19.28
C HIS A 183 -3.70 -22.36 18.22
N THR A 184 -2.97 -21.25 18.16
CA THR A 184 -1.84 -21.10 17.26
C THR A 184 -0.63 -20.68 18.09
N TRP A 185 0.50 -21.38 17.89
CA TRP A 185 1.62 -21.30 18.83
C TRP A 185 2.96 -21.32 18.14
N ILE A 186 3.90 -20.52 18.65
CA ILE A 186 5.30 -20.68 18.25
C ILE A 186 5.95 -21.78 19.12
N ASN A 187 5.53 -21.82 20.38
CA ASN A 187 5.93 -22.87 21.28
C ASN A 187 4.70 -23.53 21.88
N VAL A 188 4.51 -24.82 21.63
CA VAL A 188 3.29 -25.47 22.09
C VAL A 188 3.31 -25.58 23.61
N PRO A 189 2.31 -24.99 24.28
CA PRO A 189 2.27 -25.08 25.75
C PRO A 189 1.96 -26.47 26.21
N PRO A 190 2.43 -26.85 27.38
CA PRO A 190 2.09 -28.15 27.96
C PRO A 190 0.59 -28.47 27.96
N ALA A 191 -0.26 -27.45 28.19
CA ALA A 191 -1.72 -27.70 28.18
C ALA A 191 -2.24 -28.19 26.85
N GLU A 192 -1.51 -27.87 25.78
CA GLU A 192 -2.04 -28.20 24.47
C GLU A 192 -1.35 -29.42 23.87
N GLU A 193 -0.38 -30.00 24.57
CA GLU A 193 0.34 -31.15 24.02
C GLU A 193 -0.54 -32.33 23.61
N LYS A 194 -1.66 -32.55 24.31
CA LYS A 194 -2.56 -33.66 24.00
C LYS A 194 -3.07 -33.56 22.56
N ASN A 195 -2.98 -32.35 22.00
CA ASN A 195 -3.50 -32.09 20.66
C ASN A 195 -2.42 -32.00 19.61
N TYR A 196 -1.15 -32.10 20.02
CA TYR A 196 -0.06 -31.87 19.07
C TYR A 196 0.20 -33.17 18.30
N ALA A 197 -0.11 -33.19 17.01
CA ALA A 197 0.16 -34.39 16.24
C ALA A 197 1.64 -34.68 16.20
N TRP A 198 2.00 -35.95 16.01
CA TRP A 198 3.36 -36.35 15.63
C TRP A 198 3.46 -36.20 14.13
N GLY A 199 4.63 -35.77 13.64
CA GLY A 199 4.93 -35.88 12.22
C GLY A 199 5.56 -37.21 11.94
N TYR A 200 5.54 -37.61 10.67
CA TYR A 200 6.09 -38.93 10.32
C TYR A 200 7.06 -38.81 9.15
N ARG A 201 8.27 -39.27 9.38
CA ARG A 201 9.30 -39.19 8.36
C ARG A 201 9.94 -40.55 8.31
N GLU A 202 9.85 -41.19 7.15
CA GLU A 202 10.25 -42.56 6.96
C GLU A 202 9.73 -43.45 8.08
N GLY A 203 8.46 -43.27 8.43
CA GLY A 203 7.82 -44.14 9.41
C GLY A 203 8.10 -43.81 10.86
N LYS A 204 8.92 -42.78 11.12
CA LYS A 204 9.24 -42.43 12.49
C LYS A 204 8.53 -41.15 12.92
N ALA A 205 8.07 -41.16 14.17
CA ALA A 205 7.42 -39.97 14.75
C ALA A 205 8.45 -38.94 15.08
N VAL A 206 8.22 -37.75 14.56
CA VAL A 206 9.13 -36.65 14.75
C VAL A 206 8.42 -35.33 14.95
N HIS A 207 9.10 -34.43 15.66
CA HIS A 207 8.71 -33.02 15.72
C HIS A 207 9.85 -32.15 15.26
N VAL A 208 9.52 -30.92 14.88
CA VAL A 208 10.49 -29.90 14.45
C VAL A 208 11.63 -29.79 15.46
N SER A 209 12.87 -29.69 14.97
CA SER A 209 14.05 -29.53 15.82
C SER A 209 14.25 -28.04 16.05
N PRO A 210 14.71 -27.65 17.25
CA PRO A 210 15.14 -26.26 17.49
C PRO A 210 16.21 -25.84 16.48
N GLY A 211 16.14 -24.61 16.01
CA GLY A 211 17.16 -24.07 15.12
C GLY A 211 17.19 -22.56 15.19
N ALA A 212 18.30 -21.95 14.79
CA ALA A 212 18.31 -20.48 14.81
C ALA A 212 17.27 -19.93 13.85
N LEU A 213 16.59 -18.86 14.26
CA LEU A 213 15.52 -18.23 13.48
C LEU A 213 14.40 -19.18 13.13
N ASP A 214 14.21 -20.22 13.93
CA ASP A 214 13.11 -21.16 13.68
C ASP A 214 11.71 -20.53 13.80
N ALA A 215 11.50 -19.75 14.86
CA ALA A 215 10.19 -19.10 15.04
C ALA A 215 9.82 -18.27 13.83
N GLU A 216 10.82 -17.56 13.31
CA GLU A 216 10.58 -16.57 12.26
C GLU A 216 10.39 -17.20 10.89
N ALA A 217 10.95 -18.38 10.69
CA ALA A 217 10.94 -18.95 9.35
C ALA A 217 10.10 -20.19 9.21
N TYR A 218 9.96 -20.99 10.26
CA TYR A 218 9.25 -22.25 10.06
C TYR A 218 8.64 -22.81 11.34
N GLY A 219 8.42 -21.96 12.33
CA GLY A 219 8.12 -22.51 13.65
C GLY A 219 6.69 -22.47 14.21
N VAL A 220 5.71 -22.11 13.41
CA VAL A 220 4.33 -21.99 13.94
C VAL A 220 3.59 -23.35 13.85
N LYS A 221 2.79 -23.62 14.86
CA LYS A 221 1.91 -24.79 14.83
C LYS A 221 0.51 -24.26 15.00
N SER A 222 -0.47 -24.90 14.35
CA SER A 222 -1.84 -24.40 14.42
C SER A 222 -2.83 -25.50 14.13
N THR A 223 -4.10 -25.18 14.37
CA THR A 223 -5.19 -26.12 14.10
C THR A 223 -5.84 -25.76 12.79
N ILE A 224 -6.69 -26.66 12.31
CA ILE A 224 -7.37 -26.41 11.05
C ILE A 224 -8.38 -25.28 11.22
N GLU A 225 -8.92 -25.10 12.43
CA GLU A 225 -9.86 -24.01 12.66
C GLU A 225 -9.16 -22.67 12.64
N ASP A 226 -8.02 -22.58 13.33
CA ASP A 226 -7.32 -21.31 13.32
C ASP A 226 -6.79 -20.99 11.91
N MET A 227 -6.37 -22.01 11.16
CA MET A 227 -5.83 -21.73 9.84
C MET A 227 -6.95 -21.29 8.91
N ALA A 228 -8.13 -21.83 9.10
CA ALA A 228 -9.27 -21.34 8.30
C ALA A 228 -9.52 -19.87 8.65
N ARG A 229 -9.36 -19.51 9.92
CA ARG A 229 -9.55 -18.11 10.31
C ARG A 229 -8.46 -17.20 9.73
N TRP A 230 -7.25 -17.72 9.64
CA TRP A 230 -6.12 -17.04 9.01
C TRP A 230 -6.45 -16.77 7.54
N VAL A 231 -6.93 -17.78 6.83
CA VAL A 231 -7.38 -17.56 5.44
C VAL A 231 -8.47 -16.52 5.33
N GLN A 232 -9.47 -16.58 6.21
CA GLN A 232 -10.57 -15.62 6.13
C GLN A 232 -10.03 -14.21 6.34
N SER A 233 -9.04 -14.08 7.22
CA SER A 233 -8.46 -12.78 7.56
C SER A 233 -7.71 -12.25 6.38
N ASN A 234 -7.05 -13.13 5.66
CA ASN A 234 -6.24 -12.70 4.51
C ASN A 234 -7.12 -12.51 3.28
N LEU A 235 -8.28 -13.17 3.25
CA LEU A 235 -9.23 -12.97 2.14
C LEU A 235 -9.88 -11.60 2.25
N LYS A 236 -10.15 -11.16 3.48
CA LYS A 236 -10.88 -9.91 3.72
C LYS A 236 -10.24 -9.01 4.79
N PRO A 237 -9.07 -8.47 4.47
CA PRO A 237 -8.28 -7.69 5.43
C PRO A 237 -9.07 -6.49 5.92
N LEU A 238 -9.84 -5.88 5.03
CA LEU A 238 -10.45 -4.60 5.40
C LEU A 238 -11.56 -4.78 6.43
N ASP A 239 -11.89 -6.03 6.71
CA ASP A 239 -12.81 -6.37 7.79
C ASP A 239 -12.16 -6.48 9.17
N ILE A 240 -10.83 -6.46 9.21
CA ILE A 240 -10.13 -6.53 10.48
C ILE A 240 -10.20 -5.20 11.19
N ASN A 241 -10.49 -5.21 12.48
CA ASN A 241 -10.70 -3.97 13.23
C ASN A 241 -9.42 -3.19 13.51
N GLU A 242 -8.33 -3.90 13.75
CA GLU A 242 -7.07 -3.25 14.09
C GLU A 242 -6.42 -2.73 12.84
N LYS A 243 -6.30 -1.42 12.78
CA LYS A 243 -5.94 -0.71 11.56
C LYS A 243 -4.58 -1.12 11.03
N THR A 244 -3.56 -1.19 11.90
CA THR A 244 -2.23 -1.54 11.40
C THR A 244 -2.11 -3.00 10.95
N LEU A 245 -2.90 -3.88 11.55
CA LEU A 245 -2.93 -5.26 11.14
C LEU A 245 -3.62 -5.42 9.79
N GLN A 246 -4.73 -4.70 9.63
CA GLN A 246 -5.39 -4.62 8.35
C GLN A 246 -4.41 -4.21 7.26
N GLN A 247 -3.66 -3.14 7.50
CA GLN A 247 -2.72 -2.70 6.50
C GLN A 247 -1.60 -3.70 6.32
N GLY A 248 -1.11 -4.27 7.42
CA GLY A 248 -0.04 -5.25 7.31
C GLY A 248 -0.41 -6.47 6.44
N ILE A 249 -1.64 -6.95 6.58
CA ILE A 249 -2.12 -7.98 5.69
C ILE A 249 -2.07 -7.57 4.23
N GLN A 250 -2.55 -6.36 3.94
CA GLN A 250 -2.50 -5.81 2.59
C GLN A 250 -1.08 -5.73 2.10
N LEU A 251 -0.16 -5.26 2.95
CA LEU A 251 1.20 -5.11 2.51
C LEU A 251 1.86 -6.46 2.18
N ALA A 252 1.47 -7.50 2.93
CA ALA A 252 2.04 -8.82 2.70
C ALA A 252 1.58 -9.43 1.36
N GLN A 253 0.46 -8.97 0.84
CA GLN A 253 0.01 -9.44 -0.48
C GLN A 253 0.34 -8.49 -1.60
N SER A 254 1.12 -7.46 -1.31
CA SER A 254 1.57 -6.62 -2.41
C SER A 254 2.59 -7.38 -3.24
N ARG A 255 2.71 -7.02 -4.51
CA ARG A 255 3.64 -7.70 -5.41
C ARG A 255 4.95 -6.92 -5.57
N TYR A 256 6.05 -7.44 -5.01
CA TYR A 256 7.33 -6.72 -5.01
C TYR A 256 8.30 -7.10 -6.13
N TRP A 257 8.23 -8.38 -6.54
CA TRP A 257 9.12 -8.92 -7.56
C TRP A 257 8.35 -9.88 -8.42
N GLN A 258 8.77 -10.05 -9.67
CA GLN A 258 8.19 -11.09 -10.52
C GLN A 258 9.27 -12.05 -10.97
N THR A 259 8.99 -13.36 -10.89
CA THR A 259 9.81 -14.32 -11.64
C THR A 259 8.88 -15.30 -12.34
N GLY A 260 9.01 -15.40 -13.65
CA GLY A 260 8.07 -16.23 -14.41
C GLY A 260 6.69 -15.63 -14.22
N ASP A 261 5.74 -16.46 -13.85
CA ASP A 261 4.39 -15.93 -13.64
C ASP A 261 4.09 -15.77 -12.17
N MET A 262 5.09 -15.87 -11.31
CA MET A 262 4.80 -15.67 -9.89
C MET A 262 5.29 -14.34 -9.37
N TYR A 263 4.61 -13.85 -8.36
CA TYR A 263 4.96 -12.59 -7.73
C TYR A 263 5.28 -12.84 -6.28
N GLN A 264 6.31 -12.17 -5.77
CA GLN A 264 6.68 -12.39 -4.37
C GLN A 264 6.10 -11.30 -3.47
N GLY A 265 5.39 -11.73 -2.42
CA GLY A 265 4.86 -10.84 -1.39
C GLY A 265 5.70 -10.92 -0.15
N LEU A 266 5.14 -10.58 1.01
CA LEU A 266 5.89 -10.80 2.25
C LEU A 266 5.35 -12.13 2.81
N GLY A 267 6.11 -13.20 2.60
CA GLY A 267 5.65 -14.53 3.01
C GLY A 267 4.77 -15.11 1.91
N TRP A 268 3.65 -14.48 1.63
CA TRP A 268 2.78 -15.00 0.55
C TRP A 268 3.43 -14.88 -0.80
N GLU A 269 3.04 -15.78 -1.71
CA GLU A 269 3.40 -15.69 -3.11
C GLU A 269 2.08 -15.63 -3.87
N MET A 270 2.09 -14.99 -5.03
CA MET A 270 0.83 -14.74 -5.72
C MET A 270 0.97 -14.97 -7.21
N LEU A 271 -0.12 -15.40 -7.85
CA LEU A 271 -0.19 -15.42 -9.33
C LEU A 271 -1.49 -14.75 -9.77
N ASP A 272 -1.53 -14.19 -10.98
CA ASP A 272 -2.80 -13.68 -11.49
C ASP A 272 -3.81 -14.80 -11.62
N TRP A 273 -5.05 -14.52 -11.21
CA TRP A 273 -6.17 -15.45 -11.38
C TRP A 273 -6.94 -14.94 -12.60
N PRO A 274 -7.29 -15.83 -13.54
CA PRO A 274 -7.17 -17.29 -13.41
C PRO A 274 -5.74 -17.76 -13.70
N VAL A 275 -5.34 -18.83 -13.04
CA VAL A 275 -3.96 -19.27 -13.14
C VAL A 275 -3.96 -20.38 -14.12
N ASN A 276 -2.78 -20.63 -14.67
CA ASN A 276 -2.57 -21.87 -15.38
C ASN A 276 -2.25 -22.91 -14.32
N PRO A 277 -3.06 -23.97 -14.23
CA PRO A 277 -2.81 -24.94 -13.15
C PRO A 277 -1.44 -25.65 -13.23
N ASP A 278 -0.98 -25.99 -14.44
CA ASP A 278 0.35 -26.58 -14.59
C ASP A 278 1.41 -25.61 -14.09
N SER A 279 1.16 -24.32 -14.24
CA SER A 279 2.15 -23.36 -13.79
C SER A 279 2.25 -23.27 -12.24
N ILE A 280 1.13 -23.28 -11.52
CA ILE A 280 1.22 -23.37 -10.06
C ILE A 280 1.58 -24.78 -9.56
N ILE A 281 1.07 -25.81 -10.24
CA ILE A 281 1.36 -27.17 -9.80
C ILE A 281 2.83 -27.52 -9.99
N ASN A 282 3.33 -27.40 -11.23
CA ASN A 282 4.74 -27.64 -11.49
C ASN A 282 5.64 -26.64 -10.77
N GLY A 283 5.17 -25.40 -10.64
CA GLY A 283 5.98 -24.35 -10.05
C GLY A 283 6.19 -24.53 -8.55
N SER A 284 5.34 -25.35 -7.94
CA SER A 284 5.43 -25.61 -6.50
C SER A 284 6.48 -26.66 -6.15
N ASP A 285 6.86 -27.48 -7.13
CA ASP A 285 7.87 -28.52 -6.92
C ASP A 285 9.13 -27.81 -6.45
N ASN A 286 9.79 -28.36 -5.45
CA ASN A 286 11.01 -27.73 -4.93
C ASN A 286 12.09 -27.57 -6.00
N LYS A 287 12.01 -28.37 -7.08
CA LYS A 287 12.94 -28.20 -8.21
C LYS A 287 12.88 -26.79 -8.82
N ILE A 288 11.73 -26.14 -8.69
CA ILE A 288 11.55 -24.79 -9.18
C ILE A 288 11.53 -23.80 -8.01
N ALA A 289 10.78 -24.17 -6.98
CA ALA A 289 10.51 -23.27 -5.85
C ALA A 289 11.77 -22.86 -5.06
N LEU A 290 12.72 -23.78 -4.97
CA LEU A 290 13.93 -23.55 -4.19
C LEU A 290 15.11 -23.12 -5.06
N ALA A 291 14.91 -22.92 -6.38
CA ALA A 291 16.01 -22.58 -7.32
C ALA A 291 16.35 -21.07 -7.32
N ALA A 292 17.55 -20.71 -7.78
CA ALA A 292 17.96 -19.31 -8.02
C ALA A 292 17.38 -18.79 -9.33
N ARG A 293 16.61 -17.72 -9.24
N ARG A 293 16.57 -17.74 -9.25
CA ARG A 293 15.93 -17.20 -10.41
CA ARG A 293 15.91 -17.22 -10.43
C ARG A 293 16.04 -15.69 -10.49
C ARG A 293 16.05 -15.70 -10.50
N PRO A 294 16.31 -15.18 -11.69
CA PRO A 294 16.36 -13.72 -11.83
C PRO A 294 14.98 -13.12 -11.52
N VAL A 295 14.94 -11.95 -10.88
CA VAL A 295 13.68 -11.28 -10.60
C VAL A 295 13.62 -9.90 -11.28
N LYS A 296 12.40 -9.52 -11.64
CA LYS A 296 12.15 -8.18 -12.12
C LYS A 296 11.49 -7.40 -10.99
N ALA A 297 12.01 -6.22 -10.69
CA ALA A 297 11.39 -5.41 -9.64
C ALA A 297 10.07 -4.86 -10.13
N ILE A 298 9.08 -4.83 -9.24
CA ILE A 298 7.80 -4.19 -9.54
C ILE A 298 7.87 -2.82 -8.87
N THR A 299 7.99 -1.79 -9.70
CA THR A 299 8.44 -0.47 -9.27
C THR A 299 7.36 0.57 -9.59
N PRO A 300 6.56 0.99 -8.59
CA PRO A 300 6.47 0.51 -7.21
C PRO A 300 5.66 -0.77 -7.12
N PRO A 301 5.64 -1.38 -5.96
CA PRO A 301 4.91 -2.66 -5.78
C PRO A 301 3.43 -2.46 -6.04
N THR A 302 2.80 -3.47 -6.62
CA THR A 302 1.37 -3.43 -6.90
C THR A 302 0.63 -3.81 -5.62
N PRO A 303 -0.32 -3.00 -5.18
CA PRO A 303 -1.04 -3.30 -3.94
C PRO A 303 -1.83 -4.58 -4.19
N ALA A 304 -2.26 -5.22 -3.11
CA ALA A 304 -2.87 -6.54 -3.18
C ALA A 304 -3.92 -6.61 -4.30
N VAL A 305 -3.68 -7.47 -5.27
CA VAL A 305 -4.64 -7.68 -6.37
C VAL A 305 -5.67 -8.75 -5.96
N ARG A 306 -6.96 -8.42 -5.99
CA ARG A 306 -8.00 -9.39 -5.57
C ARG A 306 -8.12 -10.57 -6.54
N ALA A 307 -7.91 -10.30 -7.82
CA ALA A 307 -7.86 -11.37 -8.84
C ALA A 307 -6.54 -12.13 -8.82
N SER A 308 -6.24 -12.78 -7.69
CA SER A 308 -4.97 -13.47 -7.53
C SER A 308 -5.22 -14.82 -6.92
N TRP A 309 -4.34 -15.76 -7.26
CA TRP A 309 -4.20 -17.00 -6.51
C TRP A 309 -3.08 -16.72 -5.51
N VAL A 310 -3.41 -16.67 -4.23
CA VAL A 310 -2.41 -16.34 -3.23
C VAL A 310 -2.15 -17.62 -2.45
N HIS A 311 -0.89 -17.99 -2.25
CA HIS A 311 -0.63 -19.29 -1.63
C HIS A 311 0.73 -19.42 -0.96
N LYS A 312 0.90 -20.46 -0.17
CA LYS A 312 2.22 -20.79 0.40
C LYS A 312 2.25 -22.28 0.73
N THR A 313 3.31 -22.96 0.31
CA THR A 313 3.53 -24.34 0.77
C THR A 313 4.44 -24.33 2.02
N GLY A 314 4.36 -25.36 2.86
CA GLY A 314 5.24 -25.39 4.03
C GLY A 314 5.56 -26.81 4.40
N ALA A 315 6.77 -27.05 4.90
CA ALA A 315 7.14 -28.41 5.33
C ALA A 315 8.00 -28.34 6.55
N THR A 316 7.84 -29.33 7.44
CA THR A 316 8.93 -29.65 8.37
C THR A 316 9.31 -31.09 8.12
N GLY A 317 10.21 -31.66 8.92
CA GLY A 317 10.68 -33.00 8.62
C GLY A 317 9.51 -33.97 8.57
N GLY A 318 8.50 -33.71 9.42
CA GLY A 318 7.40 -34.63 9.56
C GLY A 318 6.04 -34.10 9.06
N PHE A 319 5.98 -32.88 8.51
CA PHE A 319 4.66 -32.31 8.18
C PHE A 319 4.67 -31.67 6.77
N GLY A 320 3.49 -31.59 6.15
CA GLY A 320 3.37 -30.88 4.88
C GLY A 320 2.07 -30.11 4.90
N SER A 321 2.17 -28.79 4.69
N SER A 321 2.16 -28.79 4.68
CA SER A 321 1.02 -27.89 4.70
CA SER A 321 1.01 -27.90 4.72
C SER A 321 0.88 -27.14 3.37
C SER A 321 0.89 -27.08 3.44
N TYR A 322 -0.33 -26.66 3.11
CA TYR A 322 -0.54 -25.81 1.95
C TYR A 322 -1.73 -24.90 2.25
N VAL A 323 -1.65 -23.63 1.82
CA VAL A 323 -2.78 -22.74 1.97
C VAL A 323 -2.88 -21.97 0.67
N ALA A 324 -4.10 -21.84 0.14
CA ALA A 324 -4.29 -21.04 -1.07
C ALA A 324 -5.64 -20.34 -1.01
N PHE A 325 -5.73 -19.15 -1.62
CA PHE A 325 -7.02 -18.49 -1.63
C PHE A 325 -7.08 -17.51 -2.78
N ILE A 326 -8.32 -17.15 -3.14
CA ILE A 326 -8.59 -16.27 -4.25
C ILE A 326 -9.51 -15.17 -3.74
N PRO A 327 -8.96 -13.98 -3.43
CA PRO A 327 -9.77 -12.92 -2.81
C PRO A 327 -11.01 -12.61 -3.62
N GLU A 328 -10.87 -12.42 -4.93
CA GLU A 328 -12.00 -12.10 -5.79
C GLU A 328 -13.20 -13.05 -5.60
N LYS A 329 -12.94 -14.31 -5.28
CA LYS A 329 -13.98 -15.34 -5.24
C LYS A 329 -14.42 -15.71 -3.83
N GLU A 330 -13.77 -15.10 -2.84
N GLU A 330 -13.80 -15.11 -2.81
CA GLU A 330 -14.03 -15.39 -1.44
CA GLU A 330 -14.14 -15.43 -1.41
C GLU A 330 -13.91 -16.89 -1.21
C GLU A 330 -13.86 -16.92 -1.11
N LEU A 331 -12.84 -17.47 -1.76
CA LEU A 331 -12.63 -18.92 -1.80
C LEU A 331 -11.24 -19.23 -1.31
N GLY A 332 -11.12 -20.28 -0.53
CA GLY A 332 -9.80 -20.69 -0.11
C GLY A 332 -9.73 -22.11 0.44
N ILE A 333 -8.50 -22.58 0.68
CA ILE A 333 -8.34 -23.92 1.22
C ILE A 333 -7.10 -23.97 2.09
N VAL A 334 -7.16 -24.82 3.13
CA VAL A 334 -6.00 -25.12 3.97
C VAL A 334 -5.91 -26.64 4.02
N MET A 335 -4.70 -27.18 3.77
CA MET A 335 -4.48 -28.64 3.82
C MET A 335 -3.34 -28.88 4.79
N LEU A 336 -3.62 -29.58 5.91
CA LEU A 336 -2.54 -29.81 6.90
C LEU A 336 -2.36 -31.33 7.01
N ALA A 337 -1.14 -31.81 6.87
CA ALA A 337 -0.89 -33.26 6.91
C ALA A 337 0.34 -33.49 7.78
N ASN A 338 0.36 -34.63 8.45
CA ASN A 338 1.52 -35.01 9.24
C ASN A 338 2.47 -35.97 8.51
N LYS A 339 2.71 -35.66 7.24
CA LYS A 339 3.80 -36.23 6.46
C LYS A 339 4.20 -35.14 5.47
N ASN A 340 5.51 -34.97 5.21
CA ASN A 340 5.97 -34.00 4.20
C ASN A 340 5.95 -34.70 2.82
N TYR A 341 4.81 -34.62 2.14
CA TYR A 341 4.60 -35.29 0.84
C TYR A 341 4.78 -34.21 -0.26
N PRO A 342 5.05 -34.65 -1.49
CA PRO A 342 5.52 -33.67 -2.49
C PRO A 342 4.59 -32.48 -2.74
N ASN A 343 5.16 -31.28 -2.83
CA ASN A 343 4.36 -30.08 -3.12
C ASN A 343 3.38 -30.16 -4.30
N PRO A 344 3.82 -30.71 -5.45
CA PRO A 344 2.90 -30.70 -6.60
C PRO A 344 1.60 -31.43 -6.31
N ALA A 345 1.65 -32.51 -5.53
CA ALA A 345 0.44 -33.21 -5.12
C ALA A 345 -0.50 -32.32 -4.30
N ARG A 346 0.07 -31.47 -3.43
CA ARG A 346 -0.74 -30.54 -2.64
C ARG A 346 -1.44 -29.58 -3.57
N VAL A 347 -0.67 -28.99 -4.48
CA VAL A 347 -1.24 -27.92 -5.29
C VAL A 347 -2.27 -28.46 -6.26
N ASP A 348 -2.01 -29.65 -6.81
N ASP A 348 -1.99 -29.65 -6.80
CA ASP A 348 -2.96 -30.25 -7.74
CA ASP A 348 -2.91 -30.29 -7.71
C ASP A 348 -4.27 -30.52 -7.03
C ASP A 348 -4.25 -30.51 -7.03
N ALA A 349 -4.19 -31.01 -5.80
CA ALA A 349 -5.42 -31.29 -5.05
C ALA A 349 -6.18 -30.00 -4.74
N ALA A 350 -5.44 -28.96 -4.34
CA ALA A 350 -6.06 -27.68 -4.00
C ALA A 350 -6.73 -27.08 -5.22
N TRP A 351 -6.04 -27.14 -6.36
CA TRP A 351 -6.61 -26.58 -7.57
C TRP A 351 -7.86 -27.30 -8.01
N GLN A 352 -7.85 -28.63 -7.90
CA GLN A 352 -8.99 -29.41 -8.31
C GLN A 352 -10.18 -29.02 -7.43
N ILE A 353 -9.93 -28.82 -6.13
CA ILE A 353 -11.02 -28.43 -5.23
C ILE A 353 -11.50 -27.00 -5.55
N LEU A 354 -10.60 -26.03 -5.58
CA LEU A 354 -11.05 -24.67 -5.79
C LEU A 354 -11.61 -24.44 -7.21
N ASN A 355 -11.04 -25.10 -8.21
CA ASN A 355 -11.55 -24.94 -9.57
C ASN A 355 -13.01 -25.40 -9.66
N ALA A 356 -13.31 -26.48 -8.96
CA ALA A 356 -14.65 -27.06 -8.95
C ALA A 356 -15.67 -26.17 -8.25
N LEU A 357 -15.20 -25.38 -7.27
CA LEU A 357 -16.09 -24.55 -6.47
C LEU A 357 -16.21 -23.12 -6.97
N GLN A 358 -15.35 -22.78 -7.91
CA GLN A 358 -15.19 -21.39 -8.30
C GLN A 358 -16.23 -20.97 -9.30
N ALA B 1 -17.10 28.02 17.67
CA ALA B 1 -15.73 27.54 17.74
C ALA B 1 -15.08 27.81 19.11
N PRO B 2 -14.19 26.91 19.55
CA PRO B 2 -13.43 27.20 20.77
C PRO B 2 -12.68 28.51 20.64
N GLN B 3 -12.61 29.21 21.76
CA GLN B 3 -12.00 30.52 21.81
C GLN B 3 -10.58 30.48 21.27
N GLN B 4 -9.86 29.39 21.53
CA GLN B 4 -8.46 29.31 21.11
C GLN B 4 -8.34 29.30 19.59
N ILE B 5 -9.28 28.65 18.92
CA ILE B 5 -9.27 28.60 17.47
C ILE B 5 -9.65 29.97 16.92
N ASN B 6 -10.74 30.53 17.43
CA ASN B 6 -11.18 31.85 17.01
C ASN B 6 -10.04 32.88 17.15
N ASP B 7 -9.36 32.86 18.29
CA ASP B 7 -8.27 33.80 18.55
C ASP B 7 -7.11 33.67 17.55
N ILE B 8 -6.58 32.46 17.37
CA ILE B 8 -5.40 32.33 16.50
C ILE B 8 -5.76 32.55 15.04
N VAL B 9 -6.94 32.13 14.62
CA VAL B 9 -7.35 32.38 13.25
C VAL B 9 -7.52 33.88 12.96
N HIS B 10 -8.22 34.58 13.85
CA HIS B 10 -8.42 36.03 13.67
C HIS B 10 -7.11 36.79 13.69
N ARG B 11 -6.22 36.47 14.63
CA ARG B 11 -4.97 37.20 14.70
C ARG B 11 -4.03 36.90 13.55
N THR B 12 -4.21 35.74 12.89
CA THR B 12 -3.32 35.34 11.81
C THR B 12 -3.90 35.69 10.43
N ILE B 13 -5.16 35.32 10.20
CA ILE B 13 -5.73 35.51 8.87
C ILE B 13 -6.18 36.96 8.59
N THR B 14 -6.83 37.59 9.56
CA THR B 14 -7.27 38.95 9.30
C THR B 14 -6.13 39.91 8.88
N PRO B 15 -4.96 39.86 9.54
CA PRO B 15 -3.85 40.69 9.03
C PRO B 15 -3.32 40.26 7.67
N LEU B 16 -3.29 38.96 7.42
CA LEU B 16 -2.89 38.41 6.13
C LEU B 16 -3.73 39.01 5.02
N ILE B 17 -5.03 39.08 5.27
CA ILE B 17 -5.96 39.60 4.27
C ILE B 17 -5.67 41.08 4.00
N GLU B 18 -5.35 41.82 5.06
CA GLU B 18 -5.07 43.24 4.89
C GLU B 18 -3.71 43.47 4.18
N GLN B 19 -2.68 42.72 4.57
CA GLN B 19 -1.36 42.79 3.94
C GLN B 19 -1.34 42.44 2.47
N GLN B 20 -2.11 41.42 2.10
CA GLN B 20 -2.09 40.90 0.73
C GLN B 20 -3.21 41.51 -0.13
N LYS B 21 -4.05 42.34 0.48
CA LYS B 21 -5.22 42.92 -0.18
C LYS B 21 -6.14 41.87 -0.82
N ILE B 22 -6.50 40.85 -0.03
CA ILE B 22 -7.33 39.76 -0.52
C ILE B 22 -8.81 40.14 -0.48
N PRO B 23 -9.48 40.06 -1.64
CA PRO B 23 -10.87 40.53 -1.61
C PRO B 23 -11.79 39.63 -0.80
N GLY B 24 -11.60 38.31 -0.87
CA GLY B 24 -12.49 37.38 -0.22
C GLY B 24 -11.73 36.15 0.21
N MET B 25 -12.04 35.62 1.39
CA MET B 25 -11.31 34.48 1.91
C MET B 25 -12.22 33.59 2.73
N ALA B 26 -12.01 32.27 2.64
CA ALA B 26 -12.68 31.34 3.53
C ALA B 26 -11.63 30.41 4.10
N VAL B 27 -11.77 30.11 5.40
CA VAL B 27 -10.83 29.21 6.05
C VAL B 27 -11.62 28.15 6.85
N ALA B 28 -11.14 26.90 6.83
CA ALA B 28 -11.67 25.85 7.71
C ALA B 28 -10.52 25.36 8.56
N VAL B 29 -10.75 25.18 9.85
CA VAL B 29 -9.77 24.53 10.69
C VAL B 29 -10.43 23.25 11.13
N ILE B 30 -9.73 22.14 10.95
CA ILE B 30 -10.19 20.86 11.46
C ILE B 30 -9.42 20.63 12.74
N TYR B 31 -10.13 20.52 13.86
CA TYR B 31 -9.55 20.42 15.19
C TYR B 31 -10.24 19.24 15.85
N GLN B 32 -9.43 18.29 16.30
CA GLN B 32 -9.94 16.99 16.82
C GLN B 32 -11.00 16.44 15.88
N GLY B 33 -10.69 16.55 14.60
CA GLY B 33 -11.46 15.93 13.54
C GLY B 33 -12.73 16.69 13.16
N LYS B 34 -12.99 17.80 13.83
CA LYS B 34 -14.21 18.58 13.59
C LYS B 34 -13.89 19.92 12.90
N PRO B 35 -14.75 20.34 11.96
CA PRO B 35 -14.47 21.57 11.23
C PRO B 35 -15.05 22.84 11.84
N TYR B 36 -14.26 23.89 11.74
CA TYR B 36 -14.71 25.23 12.12
C TYR B 36 -14.45 26.20 10.97
N TYR B 37 -15.41 27.10 10.70
CA TYR B 37 -15.33 27.89 9.48
C TYR B 37 -15.24 29.36 9.74
N PHE B 38 -14.59 30.07 8.82
CA PHE B 38 -14.40 31.51 8.97
C PHE B 38 -14.49 32.08 7.58
N THR B 39 -15.16 33.21 7.44
CA THR B 39 -15.24 33.84 6.13
C THR B 39 -15.03 35.35 6.24
N TRP B 40 -14.52 35.95 5.18
CA TRP B 40 -14.25 37.38 5.16
C TRP B 40 -14.49 37.89 3.76
N GLY B 41 -14.97 39.12 3.66
CA GLY B 41 -14.96 39.81 2.39
C GLY B 41 -15.94 39.36 1.34
N TYR B 42 -15.53 39.55 0.10
CA TYR B 42 -16.43 39.46 -1.04
C TYR B 42 -15.99 38.40 -2.02
N ALA B 43 -16.96 37.59 -2.45
CA ALA B 43 -16.80 36.66 -3.59
C ALA B 43 -16.86 37.41 -4.92
N ASP B 44 -17.66 38.48 -4.93
CA ASP B 44 -17.82 39.36 -6.08
C ASP B 44 -17.83 40.79 -5.54
N ILE B 45 -16.79 41.55 -5.84
CA ILE B 45 -16.63 42.92 -5.31
C ILE B 45 -17.71 43.84 -5.87
N ALA B 46 -17.90 43.78 -7.18
CA ALA B 46 -18.84 44.69 -7.83
C ALA B 46 -20.25 44.47 -7.31
N LYS B 47 -20.65 43.23 -7.10
CA LYS B 47 -21.98 42.94 -6.59
C LYS B 47 -22.04 43.03 -5.07
N LYS B 48 -20.88 43.24 -4.44
CA LYS B 48 -20.78 43.21 -2.99
C LYS B 48 -21.42 41.93 -2.48
N GLN B 49 -21.00 40.80 -3.07
CA GLN B 49 -21.52 39.50 -2.70
C GLN B 49 -20.54 38.92 -1.69
N PRO B 50 -21.02 38.62 -0.47
CA PRO B 50 -20.10 38.08 0.54
C PRO B 50 -19.65 36.66 0.23
N VAL B 51 -18.40 36.37 0.60
CA VAL B 51 -17.95 34.99 0.70
C VAL B 51 -18.82 34.34 1.76
N THR B 52 -19.35 33.17 1.44
CA THR B 52 -20.05 32.34 2.40
C THR B 52 -19.47 30.94 2.35
N GLN B 53 -20.04 30.06 3.16
CA GLN B 53 -19.59 28.68 3.18
C GLN B 53 -20.06 27.90 1.97
N GLN B 54 -20.92 28.52 1.16
N GLN B 54 -20.90 28.54 1.17
CA GLN B 54 -21.35 27.93 -0.10
CA GLN B 54 -21.41 28.01 -0.10
C GLN B 54 -20.61 28.55 -1.30
C GLN B 54 -20.58 28.52 -1.28
N THR B 55 -19.66 29.43 -1.04
CA THR B 55 -18.89 30.04 -2.14
C THR B 55 -17.90 29.07 -2.79
N LEU B 56 -17.94 28.94 -4.12
CA LEU B 56 -16.95 28.08 -4.79
C LEU B 56 -15.74 28.90 -5.16
N PHE B 57 -14.57 28.33 -4.89
CA PHE B 57 -13.29 28.94 -5.20
C PHE B 57 -12.60 27.98 -6.16
N GLU B 58 -11.80 28.51 -7.09
CA GLU B 58 -10.88 27.69 -7.88
C GLU B 58 -9.74 27.20 -7.02
N LEU B 59 -9.56 25.88 -7.02
CA LEU B 59 -8.51 25.26 -6.20
C LEU B 59 -7.14 25.31 -6.87
N GLY B 60 -7.12 25.47 -8.19
CA GLY B 60 -5.85 25.43 -8.89
C GLY B 60 -5.18 24.10 -8.67
N SER B 61 -3.88 24.11 -8.37
CA SER B 61 -3.13 22.87 -8.21
C SER B 61 -3.51 22.00 -7.02
N VAL B 62 -4.34 22.52 -6.10
CA VAL B 62 -4.86 21.62 -5.07
C VAL B 62 -5.72 20.52 -5.72
N SER B 63 -6.18 20.79 -6.94
CA SER B 63 -6.89 19.76 -7.70
C SER B 63 -6.04 18.50 -7.86
N LYS B 64 -4.71 18.64 -7.90
CA LYS B 64 -3.88 17.46 -8.11
C LYS B 64 -4.04 16.44 -6.96
N THR B 65 -4.46 16.90 -5.80
CA THR B 65 -4.74 15.95 -4.71
C THR B 65 -5.95 15.09 -5.08
N PHE B 66 -6.96 15.69 -5.69
CA PHE B 66 -8.06 14.84 -6.20
C PHE B 66 -7.62 13.91 -7.29
N THR B 67 -6.83 14.42 -8.24
CA THR B 67 -6.29 13.52 -9.26
C THR B 67 -5.47 12.37 -8.67
N GLY B 68 -4.64 12.66 -7.67
CA GLY B 68 -3.81 11.62 -7.05
C GLY B 68 -4.67 10.52 -6.40
N VAL B 69 -5.71 10.94 -5.69
CA VAL B 69 -6.59 10.02 -4.99
C VAL B 69 -7.42 9.20 -5.99
N LEU B 70 -7.87 9.86 -7.08
CA LEU B 70 -8.60 9.13 -8.12
C LEU B 70 -7.70 8.05 -8.76
N GLY B 71 -6.42 8.40 -8.95
CA GLY B 71 -5.47 7.43 -9.48
C GLY B 71 -5.23 6.33 -8.46
N GLY B 72 -5.14 6.71 -7.19
CA GLY B 72 -5.01 5.73 -6.14
C GLY B 72 -6.17 4.74 -6.13
N ASP B 73 -7.38 5.26 -6.26
CA ASP B 73 -8.58 4.43 -6.32
C ASP B 73 -8.57 3.46 -7.52
N ALA B 74 -8.11 3.94 -8.68
CA ALA B 74 -7.97 3.06 -9.85
C ALA B 74 -6.93 1.97 -9.63
N ILE B 75 -5.84 2.28 -8.95
CA ILE B 75 -4.92 1.21 -8.59
C ILE B 75 -5.56 0.18 -7.67
N ALA B 76 -6.30 0.65 -6.67
CA ALA B 76 -6.96 -0.24 -5.73
C ALA B 76 -8.02 -1.12 -6.40
N ARG B 77 -8.67 -0.58 -7.42
CA ARG B 77 -9.60 -1.34 -8.26
C ARG B 77 -8.92 -2.39 -9.16
N GLY B 78 -7.59 -2.36 -9.25
CA GLY B 78 -6.87 -3.23 -10.14
C GLY B 78 -6.95 -2.79 -11.61
N GLU B 79 -7.35 -1.55 -11.85
CA GLU B 79 -7.46 -1.06 -13.23
C GLU B 79 -6.13 -0.62 -13.81
N ILE B 80 -5.27 -0.08 -12.95
CA ILE B 80 -3.98 0.40 -13.40
C ILE B 80 -2.93 0.02 -12.39
N LYS B 81 -1.67 0.05 -12.83
CA LYS B 81 -0.54 -0.10 -11.90
C LYS B 81 0.42 1.06 -12.15
N LEU B 82 1.03 1.58 -11.07
CA LEU B 82 1.96 2.69 -11.27
C LEU B 82 3.23 2.25 -11.96
N SER B 83 3.51 0.94 -11.89
CA SER B 83 4.67 0.37 -12.58
C SER B 83 4.49 0.19 -14.08
N ASP B 84 3.27 0.39 -14.57
CA ASP B 84 3.00 0.14 -15.97
C ASP B 84 3.54 1.27 -16.85
N PRO B 85 4.07 0.91 -18.01
CA PRO B 85 4.47 1.96 -18.94
C PRO B 85 3.30 2.82 -19.36
N THR B 86 3.61 4.09 -19.61
CA THR B 86 2.62 5.09 -20.08
C THR B 86 1.97 4.53 -21.33
N THR B 87 2.78 3.89 -22.18
CA THR B 87 2.26 3.43 -23.47
C THR B 87 1.23 2.32 -23.37
N LYS B 88 1.15 1.66 -22.21
CA LYS B 88 0.11 0.64 -22.06
C LYS B 88 -1.29 1.26 -22.17
N TYR B 89 -1.41 2.51 -21.75
CA TYR B 89 -2.72 3.13 -21.66
C TYR B 89 -2.87 4.17 -22.75
N TRP B 90 -1.78 4.43 -23.48
CA TRP B 90 -1.84 5.31 -24.66
C TRP B 90 -1.03 4.68 -25.77
N PRO B 91 -1.60 3.68 -26.46
CA PRO B 91 -0.77 2.90 -27.37
C PRO B 91 -0.26 3.76 -28.52
N GLU B 92 -0.97 4.86 -28.80
CA GLU B 92 -0.55 5.77 -29.87
C GLU B 92 0.78 6.50 -29.56
N LEU B 93 1.18 6.50 -28.29
CA LEU B 93 2.39 7.23 -27.91
C LEU B 93 3.59 6.30 -28.17
N THR B 94 4.07 6.28 -29.41
CA THR B 94 5.06 5.28 -29.81
C THR B 94 6.51 5.78 -29.84
N ALA B 95 6.72 7.08 -29.67
CA ALA B 95 8.07 7.59 -29.82
C ALA B 95 9.02 7.02 -28.78
N LYS B 96 10.26 6.81 -29.19
CA LYS B 96 11.23 5.99 -28.40
C LYS B 96 11.59 6.57 -27.03
N GLN B 97 11.46 7.88 -26.85
CA GLN B 97 11.81 8.48 -25.55
C GLN B 97 10.86 8.10 -24.43
N TRP B 98 9.75 7.47 -24.77
CA TRP B 98 8.77 7.11 -23.75
C TRP B 98 9.03 5.74 -23.16
N ASN B 99 9.97 5.00 -23.75
CA ASN B 99 10.30 3.70 -23.19
C ASN B 99 10.88 3.88 -21.80
N GLY B 100 10.27 3.23 -20.82
CA GLY B 100 10.76 3.35 -19.47
C GLY B 100 10.09 4.44 -18.66
N ILE B 101 9.21 5.23 -19.28
CA ILE B 101 8.43 6.20 -18.50
C ILE B 101 7.09 5.60 -18.06
N THR B 102 6.91 5.46 -16.75
CA THR B 102 5.76 4.74 -16.21
C THR B 102 4.74 5.73 -15.67
N LEU B 103 3.53 5.24 -15.35
CA LEU B 103 2.56 6.09 -14.69
C LEU B 103 3.08 6.72 -13.39
N LEU B 104 3.91 5.97 -12.66
CA LEU B 104 4.56 6.53 -11.47
C LEU B 104 5.28 7.84 -11.82
N HIS B 105 6.08 7.79 -12.88
CA HIS B 105 6.86 8.97 -13.27
C HIS B 105 5.92 10.13 -13.61
N LEU B 106 4.86 9.86 -14.36
CA LEU B 106 3.94 10.96 -14.68
C LEU B 106 3.29 11.56 -13.43
N ALA B 107 2.82 10.69 -12.55
CA ALA B 107 2.09 11.12 -11.37
C ALA B 107 2.95 11.96 -10.41
N THR B 108 4.27 11.75 -10.43
CA THR B 108 5.15 12.34 -9.41
C THR B 108 6.16 13.33 -9.97
N TYR B 109 5.96 13.73 -11.22
CA TYR B 109 6.75 14.75 -11.93
C TYR B 109 8.18 14.30 -12.17
N THR B 110 8.38 12.99 -12.33
CA THR B 110 9.73 12.45 -12.42
C THR B 110 10.03 11.78 -13.76
N ALA B 111 9.25 12.12 -14.79
CA ALA B 111 9.43 11.54 -16.12
C ALA B 111 10.68 12.04 -16.85
N GLY B 112 11.26 13.14 -16.36
CA GLY B 112 12.48 13.67 -16.93
C GLY B 112 12.36 15.04 -17.58
N GLY B 113 11.55 15.91 -16.98
CA GLY B 113 11.41 17.29 -17.41
C GLY B 113 10.25 17.61 -18.34
N LEU B 114 9.13 16.89 -18.22
CA LEU B 114 7.90 17.37 -18.87
C LEU B 114 7.65 18.77 -18.32
N PRO B 115 7.16 19.66 -19.18
CA PRO B 115 7.10 21.07 -18.78
C PRO B 115 5.98 21.45 -17.85
N LEU B 116 6.23 22.56 -17.16
CA LEU B 116 5.27 23.10 -16.21
C LEU B 116 3.87 23.22 -16.81
N GLN B 117 3.80 23.79 -18.01
CA GLN B 117 2.49 23.92 -18.66
C GLN B 117 2.48 23.15 -19.96
N VAL B 118 1.31 22.62 -20.33
CA VAL B 118 1.08 22.25 -21.73
C VAL B 118 0.97 23.56 -22.50
N PRO B 119 1.68 23.72 -23.65
CA PRO B 119 1.63 24.98 -24.40
C PRO B 119 0.20 25.39 -24.70
N ASP B 120 -0.10 26.68 -24.64
N ASP B 120 -0.10 26.69 -24.65
CA ASP B 120 -1.48 27.15 -24.82
CA ASP B 120 -1.45 27.18 -24.84
C ASP B 120 -2.02 26.79 -26.20
C ASP B 120 -2.02 26.79 -26.19
N GLU B 121 -1.13 26.59 -27.16
CA GLU B 121 -1.54 26.32 -28.54
C GLU B 121 -2.08 24.90 -28.73
N VAL B 122 -1.84 24.05 -27.76
CA VAL B 122 -2.33 22.67 -27.85
C VAL B 122 -3.83 22.70 -27.55
N LYS B 123 -4.64 22.52 -28.58
CA LYS B 123 -6.08 22.73 -28.51
C LYS B 123 -6.89 21.46 -28.79
N SER B 124 -6.31 20.48 -29.46
CA SER B 124 -7.06 19.30 -29.87
C SER B 124 -6.36 18.04 -29.40
N SER B 125 -7.05 16.91 -29.53
CA SER B 125 -6.44 15.63 -29.18
C SER B 125 -5.22 15.32 -30.05
N SER B 126 -5.30 15.65 -31.32
CA SER B 126 -4.15 15.42 -32.19
C SER B 126 -3.00 16.34 -31.78
N ASP B 127 -3.32 17.58 -31.38
CA ASP B 127 -2.29 18.50 -30.88
C ASP B 127 -1.56 17.88 -29.69
N LEU B 128 -2.34 17.31 -28.78
CA LEU B 128 -1.81 16.75 -27.53
C LEU B 128 -0.89 15.57 -27.81
N LEU B 129 -1.30 14.69 -28.72
CA LEU B 129 -0.47 13.56 -29.05
C LEU B 129 0.84 14.08 -29.67
N ARG B 130 0.73 15.04 -30.57
CA ARG B 130 1.93 15.57 -31.22
C ARG B 130 2.89 16.19 -30.21
N PHE B 131 2.35 16.91 -29.26
CA PHE B 131 3.17 17.52 -28.22
C PHE B 131 3.96 16.48 -27.42
N TYR B 132 3.29 15.41 -26.99
CA TYR B 132 3.99 14.36 -26.23
C TYR B 132 4.95 13.53 -27.10
N GLN B 133 4.56 13.27 -28.34
CA GLN B 133 5.44 12.53 -29.27
C GLN B 133 6.74 13.29 -29.53
N ASN B 134 6.64 14.61 -29.50
CA ASN B 134 7.75 15.52 -29.85
C ASN B 134 8.56 15.95 -28.64
N TRP B 135 8.03 15.73 -27.43
CA TRP B 135 8.77 16.13 -26.24
C TRP B 135 10.08 15.34 -26.08
N GLN B 136 11.16 16.07 -25.81
CA GLN B 136 12.46 15.43 -25.58
C GLN B 136 12.88 15.68 -24.13
N PRO B 137 13.21 14.62 -23.40
CA PRO B 137 13.50 14.82 -21.97
C PRO B 137 14.78 15.57 -21.68
N ALA B 138 14.77 16.24 -20.53
CA ALA B 138 15.97 16.92 -20.00
C ALA B 138 16.85 15.93 -19.22
N TRP B 139 16.25 14.87 -18.68
CA TRP B 139 16.93 13.90 -17.79
C TRP B 139 16.32 12.54 -18.02
N ALA B 140 17.00 11.49 -17.57
CA ALA B 140 16.45 10.13 -17.63
C ALA B 140 15.27 10.03 -16.68
N PRO B 141 14.38 9.02 -16.88
CA PRO B 141 13.25 8.87 -15.97
C PRO B 141 13.70 8.55 -14.55
N GLY B 142 12.98 9.06 -13.57
CA GLY B 142 13.20 8.71 -12.17
C GLY B 142 14.47 9.27 -11.60
N THR B 143 14.91 10.44 -12.09
CA THR B 143 16.13 11.08 -11.57
C THR B 143 15.91 12.49 -11.00
N GLN B 144 14.97 13.23 -11.59
CA GLN B 144 14.73 14.63 -11.21
C GLN B 144 13.23 14.85 -11.08
N ARG B 145 12.83 15.59 -10.05
CA ARG B 145 11.44 16.03 -9.93
C ARG B 145 11.33 17.44 -10.48
N LEU B 146 10.40 17.66 -11.39
CA LEU B 146 10.16 18.99 -11.94
C LEU B 146 8.65 19.15 -11.99
N TYR B 147 8.13 19.94 -11.05
CA TYR B 147 6.69 20.15 -10.94
C TYR B 147 6.09 20.51 -12.28
N ALA B 148 5.02 19.82 -12.68
CA ALA B 148 4.56 19.96 -14.06
C ALA B 148 3.11 19.53 -14.23
N ASN B 149 2.30 20.45 -14.74
CA ASN B 149 0.92 20.13 -15.07
C ASN B 149 0.84 19.14 -16.21
N SER B 150 1.79 19.22 -17.15
CA SER B 150 1.83 18.28 -18.27
C SER B 150 2.15 16.84 -17.85
N SER B 151 2.71 16.69 -16.66
CA SER B 151 3.05 15.38 -16.15
C SER B 151 1.86 14.75 -15.42
N ILE B 152 1.43 15.35 -14.31
CA ILE B 152 0.31 14.75 -13.57
C ILE B 152 -0.99 14.87 -14.36
N GLY B 153 -1.11 15.88 -15.19
CA GLY B 153 -2.33 16.01 -16.01
C GLY B 153 -2.47 14.78 -16.91
N LEU B 154 -1.36 14.35 -17.52
CA LEU B 154 -1.41 13.13 -18.36
C LEU B 154 -1.68 11.87 -17.55
N PHE B 155 -1.06 11.76 -16.38
CA PHE B 155 -1.39 10.65 -15.49
C PHE B 155 -2.90 10.56 -15.22
N GLY B 156 -3.53 11.70 -14.90
CA GLY B 156 -4.96 11.67 -14.64
C GLY B 156 -5.78 11.15 -15.81
N ALA B 157 -5.45 11.65 -16.98
CA ALA B 157 -6.19 11.26 -18.19
C ALA B 157 -6.03 9.76 -18.49
N LEU B 158 -4.81 9.25 -18.30
CA LEU B 158 -4.55 7.82 -18.54
C LEU B 158 -5.12 6.93 -17.43
N ALA B 159 -5.12 7.43 -16.20
CA ALA B 159 -5.57 6.61 -15.08
C ALA B 159 -7.01 6.14 -15.20
N VAL B 160 -7.86 6.96 -15.82
CA VAL B 160 -9.26 6.61 -15.92
C VAL B 160 -9.54 5.82 -17.20
N LYS B 161 -8.55 5.62 -18.04
CA LYS B 161 -8.81 4.91 -19.32
C LYS B 161 -9.44 3.53 -19.21
N PRO B 162 -8.87 2.64 -18.40
CA PRO B 162 -9.51 1.32 -18.27
C PRO B 162 -10.98 1.34 -17.80
N SER B 163 -11.36 2.31 -16.97
CA SER B 163 -12.72 2.39 -16.47
C SER B 163 -13.71 2.71 -17.57
N GLY B 164 -13.21 3.29 -18.66
CA GLY B 164 -14.09 3.71 -19.74
C GLY B 164 -14.82 5.03 -19.47
N LEU B 165 -14.67 5.59 -18.27
CA LEU B 165 -15.38 6.82 -17.90
C LEU B 165 -14.58 8.02 -18.31
N SER B 166 -15.22 9.17 -18.57
CA SER B 166 -14.44 10.41 -18.74
C SER B 166 -13.76 10.75 -17.42
N PHE B 167 -12.73 11.60 -17.46
CA PHE B 167 -12.10 11.98 -16.21
C PHE B 167 -13.11 12.60 -15.25
N GLU B 168 -13.95 13.48 -15.82
CA GLU B 168 -14.94 14.15 -15.00
C GLU B 168 -15.91 13.16 -14.36
N GLN B 169 -16.42 12.21 -15.15
CA GLN B 169 -17.37 11.24 -14.62
C GLN B 169 -16.71 10.33 -13.59
N ALA B 170 -15.44 9.95 -13.84
CA ALA B 170 -14.74 9.07 -12.87
C ALA B 170 -14.56 9.85 -11.58
N MET B 171 -14.13 11.11 -11.69
CA MET B 171 -13.94 11.90 -10.49
C MET B 171 -15.24 12.12 -9.70
N GLN B 172 -16.31 12.47 -10.38
CA GLN B 172 -17.59 12.66 -9.70
C GLN B 172 -18.10 11.39 -9.01
N THR B 173 -18.06 10.26 -9.72
CA THR B 173 -18.75 9.07 -9.21
C THR B 173 -17.87 8.29 -8.23
N ARG B 174 -16.54 8.44 -8.36
CA ARG B 174 -15.64 7.62 -7.56
C ARG B 174 -15.04 8.38 -6.38
N VAL B 175 -15.03 9.72 -6.45
CA VAL B 175 -14.39 10.52 -5.39
C VAL B 175 -15.37 11.53 -4.79
N PHE B 176 -15.91 12.44 -5.62
CA PHE B 176 -16.78 13.49 -5.04
C PHE B 176 -18.01 12.86 -4.36
N GLN B 177 -18.73 11.98 -5.07
CA GLN B 177 -19.96 11.46 -4.53
C GLN B 177 -19.83 10.61 -3.26
N PRO B 178 -18.92 9.65 -3.24
CA PRO B 178 -18.82 8.86 -2.01
C PRO B 178 -18.48 9.71 -0.78
N LEU B 179 -17.75 10.81 -0.98
CA LEU B 179 -17.36 11.69 0.11
C LEU B 179 -18.36 12.82 0.34
N LYS B 180 -19.47 12.79 -0.40
CA LYS B 180 -20.56 13.78 -0.27
C LYS B 180 -20.03 15.20 -0.44
N LEU B 181 -19.12 15.34 -1.40
CA LEU B 181 -18.64 16.66 -1.80
C LEU B 181 -19.70 17.20 -2.78
N ASN B 182 -20.79 17.73 -2.23
CA ASN B 182 -21.97 17.98 -3.06
C ASN B 182 -21.91 19.32 -3.78
N HIS B 183 -20.89 20.11 -3.47
CA HIS B 183 -20.70 21.43 -4.10
C HIS B 183 -19.29 21.56 -4.66
N THR B 184 -18.78 20.46 -5.20
CA THR B 184 -17.46 20.39 -5.81
C THR B 184 -17.56 19.98 -7.27
N TRP B 185 -16.88 20.72 -8.16
CA TRP B 185 -17.14 20.57 -9.58
C TRP B 185 -15.88 20.78 -10.40
N ILE B 186 -15.74 20.00 -11.46
CA ILE B 186 -14.73 20.30 -12.51
C ILE B 186 -15.28 21.34 -13.49
N ASN B 187 -16.58 21.25 -13.79
CA ASN B 187 -17.31 22.21 -14.59
C ASN B 187 -18.48 22.74 -13.76
N VAL B 188 -18.47 24.03 -13.41
CA VAL B 188 -19.51 24.58 -12.56
C VAL B 188 -20.80 24.68 -13.34
N PRO B 189 -21.88 24.04 -12.82
CA PRO B 189 -23.16 24.07 -13.55
C PRO B 189 -23.89 25.41 -13.30
N PRO B 190 -24.84 25.72 -14.17
CA PRO B 190 -25.59 26.98 -14.07
C PRO B 190 -26.16 27.26 -12.70
N ALA B 191 -26.70 26.23 -12.06
CA ALA B 191 -27.29 26.38 -10.73
C ALA B 191 -26.30 26.83 -9.66
N GLU B 192 -25.01 26.59 -9.90
CA GLU B 192 -24.00 27.04 -8.97
C GLU B 192 -23.32 28.36 -9.35
N GLU B 193 -23.63 28.91 -10.51
CA GLU B 193 -22.92 30.13 -10.93
C GLU B 193 -23.04 31.27 -9.92
N LYS B 194 -24.18 31.38 -9.25
CA LYS B 194 -24.39 32.50 -8.33
C LYS B 194 -23.46 32.40 -7.11
N ASN B 195 -22.98 31.19 -6.86
CA ASN B 195 -22.03 30.93 -5.78
C ASN B 195 -20.57 30.91 -6.21
N TYR B 196 -20.30 31.03 -7.49
CA TYR B 196 -18.93 30.89 -7.98
C TYR B 196 -18.25 32.25 -7.82
N ALA B 197 -17.26 32.33 -6.94
CA ALA B 197 -16.59 33.61 -6.69
C ALA B 197 -15.86 34.01 -7.97
N TRP B 198 -15.68 35.31 -8.19
CA TRP B 198 -14.70 35.77 -9.16
C TRP B 198 -13.30 35.77 -8.58
N GLY B 199 -12.31 35.43 -9.40
CA GLY B 199 -10.91 35.60 -9.01
C GLY B 199 -10.49 37.01 -9.40
N TYR B 200 -9.47 37.54 -8.76
CA TYR B 200 -9.09 38.93 -8.99
C TYR B 200 -7.62 38.98 -9.28
N ARG B 201 -7.28 39.52 -10.44
CA ARG B 201 -5.92 39.57 -10.88
C ARG B 201 -5.70 40.95 -11.46
N GLU B 202 -4.85 41.73 -10.79
CA GLU B 202 -4.67 43.13 -11.13
C GLU B 202 -6.01 43.87 -11.10
N GLY B 203 -6.85 43.54 -10.12
CA GLY B 203 -8.13 44.21 -9.96
C GLY B 203 -9.23 43.82 -10.93
N LYS B 204 -8.89 43.00 -11.92
CA LYS B 204 -9.84 42.52 -12.92
C LYS B 204 -10.42 41.20 -12.47
N ALA B 205 -11.74 41.06 -12.57
CA ALA B 205 -12.37 39.79 -12.21
C ALA B 205 -12.08 38.77 -13.32
N VAL B 206 -11.67 37.56 -12.93
CA VAL B 206 -11.32 36.51 -13.88
C VAL B 206 -11.70 35.14 -13.37
N HIS B 207 -11.91 34.23 -14.31
CA HIS B 207 -11.97 32.81 -13.98
C HIS B 207 -10.92 32.07 -14.80
N VAL B 208 -10.63 30.84 -14.39
CA VAL B 208 -9.64 30.02 -15.05
C VAL B 208 -9.98 29.88 -16.52
N SER B 209 -8.95 29.94 -17.37
CA SER B 209 -9.11 29.74 -18.82
C SER B 209 -9.16 28.24 -19.13
N PRO B 210 -9.95 27.83 -20.13
CA PRO B 210 -9.86 26.45 -20.59
C PRO B 210 -8.45 26.16 -21.08
N GLY B 211 -7.98 24.93 -20.87
CA GLY B 211 -6.67 24.53 -21.34
C GLY B 211 -6.58 23.01 -21.39
N ALA B 212 -5.62 22.49 -22.15
CA ALA B 212 -5.46 21.03 -22.26
C ALA B 212 -5.11 20.44 -20.90
N LEU B 213 -5.74 19.30 -20.57
CA LEU B 213 -5.52 18.65 -19.26
C LEU B 213 -5.79 19.57 -18.08
N ASP B 214 -6.70 20.53 -18.27
CA ASP B 214 -7.07 21.42 -17.17
C ASP B 214 -7.77 20.72 -16.01
N ALA B 215 -8.76 19.90 -16.33
CA ALA B 215 -9.52 19.21 -15.29
C ALA B 215 -8.55 18.43 -14.42
N GLU B 216 -7.61 17.76 -15.08
CA GLU B 216 -6.69 16.82 -14.41
C GLU B 216 -5.61 17.50 -13.58
N ALA B 217 -5.22 18.72 -13.97
CA ALA B 217 -4.11 19.39 -13.30
C ALA B 217 -4.49 20.55 -12.38
N TYR B 218 -5.55 21.29 -12.74
CA TYR B 218 -5.83 22.49 -11.99
C TYR B 218 -7.28 22.94 -12.06
N GLY B 219 -8.18 22.01 -12.39
CA GLY B 219 -9.54 22.40 -12.74
C GLY B 219 -10.69 22.26 -11.73
N VAL B 220 -10.42 21.91 -10.49
CA VAL B 220 -11.52 21.68 -9.55
C VAL B 220 -11.92 22.99 -8.86
N LYS B 221 -13.23 23.22 -8.68
CA LYS B 221 -13.76 24.30 -7.88
C LYS B 221 -14.51 23.70 -6.70
N SER B 222 -14.45 24.33 -5.53
CA SER B 222 -15.08 23.72 -4.37
C SER B 222 -15.34 24.79 -3.29
N THR B 223 -16.13 24.43 -2.30
CA THR B 223 -16.52 25.34 -1.23
C THR B 223 -15.67 25.03 -0.01
N ILE B 224 -15.69 25.92 0.98
CA ILE B 224 -14.86 25.69 2.16
C ILE B 224 -15.40 24.49 2.93
N GLU B 225 -16.71 24.24 2.84
CA GLU B 225 -17.31 23.09 3.51
C GLU B 225 -16.86 21.78 2.89
N ASP B 226 -16.91 21.68 1.58
CA ASP B 226 -16.49 20.43 0.93
C ASP B 226 -15.01 20.21 1.12
N MET B 227 -14.23 21.28 1.12
CA MET B 227 -12.80 21.12 1.31
C MET B 227 -12.45 20.69 2.73
N ALA B 228 -13.22 21.16 3.70
CA ALA B 228 -13.09 20.66 5.09
C ALA B 228 -13.31 19.16 5.11
N ARG B 229 -14.31 18.70 4.36
CA ARG B 229 -14.63 17.27 4.33
C ARG B 229 -13.53 16.52 3.63
N TRP B 230 -12.95 17.15 2.60
CA TRP B 230 -11.82 16.58 1.88
C TRP B 230 -10.65 16.40 2.85
N VAL B 231 -10.43 17.38 3.72
CA VAL B 231 -9.36 17.24 4.71
C VAL B 231 -9.70 16.13 5.71
N GLN B 232 -10.95 16.08 6.18
CA GLN B 232 -11.32 15.03 7.10
C GLN B 232 -11.13 13.65 6.49
N SER B 233 -11.41 13.53 5.18
CA SER B 233 -11.32 12.22 4.54
C SER B 233 -9.87 11.81 4.41
N ASN B 234 -9.01 12.78 4.18
CA ASN B 234 -7.60 12.45 4.02
C ASN B 234 -6.89 12.32 5.35
N LEU B 235 -7.44 12.94 6.40
CA LEU B 235 -6.95 12.70 7.78
C LEU B 235 -7.23 11.30 8.24
N LYS B 236 -8.44 10.80 7.96
CA LYS B 236 -8.87 9.50 8.46
C LYS B 236 -9.46 8.61 7.39
N PRO B 237 -8.63 8.11 6.48
CA PRO B 237 -9.20 7.41 5.34
C PRO B 237 -9.90 6.12 5.72
N LEU B 238 -9.56 5.54 6.87
CA LEU B 238 -10.19 4.27 7.24
C LEU B 238 -11.66 4.36 7.63
N ASP B 239 -12.14 5.58 7.87
CA ASP B 239 -13.54 5.83 8.13
C ASP B 239 -14.34 5.83 6.84
N ILE B 240 -13.66 5.85 5.71
CA ILE B 240 -14.36 5.88 4.44
C ILE B 240 -14.93 4.50 4.11
N ASN B 241 -16.21 4.47 3.76
CA ASN B 241 -16.91 3.20 3.54
C ASN B 241 -16.48 2.43 2.30
N GLU B 242 -16.19 3.17 1.24
CA GLU B 242 -15.86 2.59 -0.05
C GLU B 242 -14.43 2.13 -0.03
N LYS B 243 -14.24 0.83 -0.16
CA LYS B 243 -12.94 0.21 0.08
C LYS B 243 -11.86 0.67 -0.85
N THR B 244 -12.12 0.73 -2.16
CA THR B 244 -11.07 1.21 -3.04
C THR B 244 -10.72 2.69 -2.81
N LEU B 245 -11.67 3.50 -2.36
CA LEU B 245 -11.40 4.93 -2.14
C LEU B 245 -10.54 5.12 -0.89
N GLN B 246 -10.86 4.35 0.13
CA GLN B 246 -10.06 4.30 1.35
C GLN B 246 -8.61 3.97 0.98
N GLN B 247 -8.44 2.92 0.20
CA GLN B 247 -7.09 2.54 -0.21
C GLN B 247 -6.44 3.59 -1.11
N GLY B 248 -7.23 4.22 -1.96
CA GLY B 248 -6.69 5.21 -2.85
C GLY B 248 -6.15 6.40 -2.10
N ILE B 249 -6.86 6.81 -1.05
CA ILE B 249 -6.40 7.92 -0.24
C ILE B 249 -5.09 7.58 0.43
N GLN B 250 -4.99 6.37 0.96
N GLN B 250 -5.02 6.37 0.98
CA GLN B 250 -3.74 5.94 1.58
CA GLN B 250 -3.80 5.84 1.55
C GLN B 250 -2.60 5.85 0.57
C GLN B 250 -2.65 5.90 0.56
N LEU B 251 -2.88 5.38 -0.64
CA LEU B 251 -1.82 5.34 -1.65
C LEU B 251 -1.33 6.72 -2.07
N ALA B 252 -2.23 7.70 -2.08
CA ALA B 252 -1.84 9.05 -2.47
C ALA B 252 -0.92 9.71 -1.42
N GLN B 253 -0.96 9.21 -0.18
CA GLN B 253 -0.05 9.72 0.87
C GLN B 253 1.14 8.83 1.08
N SER B 254 1.29 7.80 0.25
CA SER B 254 2.52 7.01 0.32
C SER B 254 3.68 7.86 -0.17
N ARG B 255 4.88 7.57 0.33
CA ARG B 255 6.09 8.34 -0.02
C ARG B 255 6.87 7.62 -1.09
N TYR B 256 6.86 8.16 -2.31
CA TYR B 256 7.49 7.51 -3.47
C TYR B 256 8.93 7.96 -3.75
N TRP B 257 9.19 9.25 -3.46
CA TRP B 257 10.46 9.90 -3.72
C TRP B 257 10.73 10.86 -2.59
N GLN B 258 12.01 11.05 -2.33
CA GLN B 258 12.42 12.09 -1.39
C GLN B 258 13.32 13.11 -2.08
N THR B 259 13.03 14.39 -1.83
CA THR B 259 13.99 15.45 -2.16
C THR B 259 14.11 16.34 -0.95
N GLY B 260 15.30 16.45 -0.41
CA GLY B 260 15.51 17.24 0.79
C GLY B 260 14.72 16.61 1.93
N ASP B 261 13.91 17.42 2.64
CA ASP B 261 13.05 16.91 3.72
C ASP B 261 11.61 16.65 3.27
N MET B 262 11.36 16.62 1.96
CA MET B 262 9.99 16.43 1.48
C MET B 262 9.88 15.14 0.70
N TYR B 263 8.69 14.57 0.71
CA TYR B 263 8.42 13.28 0.09
C TYR B 263 7.26 13.53 -0.86
N GLN B 264 7.35 12.99 -2.06
CA GLN B 264 6.31 13.18 -3.06
C GLN B 264 5.30 12.03 -2.98
N GLY B 265 4.02 12.37 -2.83
CA GLY B 265 2.95 11.37 -2.85
C GLY B 265 2.24 11.51 -4.20
N LEU B 266 0.97 11.09 -4.26
CA LEU B 266 0.22 11.29 -5.51
C LEU B 266 -0.61 12.55 -5.30
N GLY B 267 -0.16 13.65 -5.89
CA GLY B 267 -0.77 14.95 -5.63
C GLY B 267 -0.26 15.57 -4.32
N TRP B 268 -0.49 14.89 -3.22
CA TRP B 268 0.01 15.36 -1.93
C TRP B 268 1.51 15.38 -1.84
N GLU B 269 2.03 16.33 -1.06
CA GLU B 269 3.44 16.30 -0.65
C GLU B 269 3.49 16.19 0.86
N MET B 270 4.53 15.53 1.41
CA MET B 270 4.53 15.21 2.83
C MET B 270 5.90 15.49 3.44
N LEU B 271 5.93 15.88 4.72
CA LEU B 271 7.18 15.96 5.47
C LEU B 271 6.91 15.30 6.81
N ASP B 272 7.97 14.81 7.45
CA ASP B 272 7.83 14.27 8.81
C ASP B 272 7.39 15.39 9.76
N TRP B 273 6.50 15.04 10.69
CA TRP B 273 6.13 15.91 11.77
C TRP B 273 6.88 15.48 13.04
N PRO B 274 7.46 16.45 13.76
CA PRO B 274 7.31 17.90 13.55
C PRO B 274 8.18 18.40 12.42
N VAL B 275 7.72 19.44 11.74
CA VAL B 275 8.43 19.98 10.59
C VAL B 275 9.19 21.20 11.00
N ASN B 276 10.18 21.55 10.18
CA ASN B 276 10.85 22.80 10.31
C ASN B 276 10.05 23.84 9.51
N PRO B 277 9.46 24.83 10.19
CA PRO B 277 8.57 25.74 9.45
C PRO B 277 9.32 26.56 8.39
N ASP B 278 10.56 26.94 8.67
CA ASP B 278 11.31 27.68 7.66
C ASP B 278 11.35 26.86 6.37
N SER B 279 11.52 25.56 6.49
CA SER B 279 11.63 24.71 5.32
C SER B 279 10.37 24.67 4.45
N ILE B 280 9.21 24.41 5.04
CA ILE B 280 7.97 24.46 4.27
C ILE B 280 7.61 25.86 3.80
N ILE B 281 7.86 26.88 4.61
CA ILE B 281 7.54 28.24 4.22
C ILE B 281 8.42 28.67 3.04
N ASN B 282 9.74 28.59 3.23
CA ASN B 282 10.63 28.95 2.12
C ASN B 282 10.50 28.01 0.92
N GLY B 283 10.30 26.73 1.20
CA GLY B 283 10.18 25.72 0.17
C GLY B 283 9.00 25.94 -0.75
N SER B 284 8.00 26.67 -0.26
CA SER B 284 6.77 26.88 -1.02
C SER B 284 6.89 27.97 -2.07
N ASP B 285 7.90 28.81 -1.92
CA ASP B 285 8.18 29.87 -2.88
C ASP B 285 8.40 29.22 -4.22
N ASN B 286 7.73 29.73 -5.25
CA ASN B 286 7.85 29.16 -6.59
C ASN B 286 9.27 29.05 -7.12
N LYS B 287 10.19 29.91 -6.67
CA LYS B 287 11.58 29.78 -7.11
C LYS B 287 12.19 28.43 -6.74
N ILE B 288 11.70 27.83 -5.67
CA ILE B 288 12.12 26.50 -5.25
C ILE B 288 11.10 25.45 -5.69
N ALA B 289 9.83 25.70 -5.44
CA ALA B 289 8.80 24.72 -5.74
C ALA B 289 8.66 24.31 -7.18
N LEU B 290 9.05 25.21 -8.07
CA LEU B 290 8.97 24.90 -9.51
C LEU B 290 10.31 24.55 -10.14
N ALA B 291 11.38 24.47 -9.33
CA ALA B 291 12.73 24.18 -9.83
C ALA B 291 12.99 22.68 -9.81
N ALA B 292 13.81 22.21 -10.73
CA ALA B 292 14.16 20.77 -10.70
C ALA B 292 14.95 20.44 -9.43
N ARG B 293 14.70 19.25 -8.87
CA ARG B 293 15.47 18.77 -7.69
C ARG B 293 15.70 17.28 -7.89
N PRO B 294 16.90 16.80 -7.53
CA PRO B 294 17.19 15.36 -7.67
C PRO B 294 16.38 14.55 -6.65
N VAL B 295 15.85 13.41 -7.07
CA VAL B 295 15.03 12.60 -6.17
C VAL B 295 15.75 11.31 -5.85
N LYS B 296 15.48 10.78 -4.66
CA LYS B 296 15.91 9.45 -4.28
C LYS B 296 14.65 8.63 -4.23
N ALA B 297 14.66 7.49 -4.91
CA ALA B 297 13.53 6.59 -4.88
C ALA B 297 13.43 5.98 -3.48
N ILE B 298 12.19 5.86 -2.99
CA ILE B 298 11.94 5.17 -1.74
C ILE B 298 11.42 3.79 -2.17
N THR B 299 12.28 2.81 -1.96
CA THR B 299 12.15 1.52 -2.63
C THR B 299 12.00 0.44 -1.56
N PRO B 300 10.78 0.00 -1.27
CA PRO B 300 9.49 0.36 -1.86
C PRO B 300 8.93 1.60 -1.13
N PRO B 301 7.86 2.16 -1.66
CA PRO B 301 7.33 3.39 -1.05
C PRO B 301 6.87 3.17 0.38
N THR B 302 7.01 4.19 1.21
CA THR B 302 6.58 4.08 2.59
C THR B 302 5.06 4.32 2.63
N PRO B 303 4.30 3.43 3.30
CA PRO B 303 2.86 3.72 3.38
C PRO B 303 2.66 4.98 4.19
N ALA B 304 1.49 5.56 4.02
CA ALA B 304 1.17 6.86 4.64
C ALA B 304 1.62 6.95 6.09
N VAL B 305 2.43 7.96 6.37
CA VAL B 305 2.95 8.16 7.71
C VAL B 305 2.05 9.12 8.50
N ARG B 306 1.52 8.65 9.65
CA ARG B 306 0.57 9.47 10.42
C ARG B 306 1.22 10.74 10.94
N ALA B 307 2.47 10.59 11.40
CA ALA B 307 3.24 11.75 11.87
C ALA B 307 3.89 12.50 10.71
N SER B 308 3.02 13.09 9.89
CA SER B 308 3.41 13.87 8.71
C SER B 308 2.67 15.17 8.70
N TRP B 309 3.33 16.20 8.15
CA TRP B 309 2.68 17.41 7.64
C TRP B 309 2.39 17.09 6.18
N VAL B 310 1.10 17.04 5.81
CA VAL B 310 0.73 16.71 4.44
C VAL B 310 0.09 17.96 3.86
N HIS B 311 0.49 18.39 2.64
CA HIS B 311 0.04 19.69 2.19
C HIS B 311 0.11 19.87 0.68
N LYS B 312 -0.52 20.94 0.20
CA LYS B 312 -0.46 21.27 -1.23
C LYS B 312 -0.89 22.72 -1.39
N THR B 313 -0.11 23.47 -2.14
CA THR B 313 -0.50 24.83 -2.52
C THR B 313 -1.19 24.75 -3.89
N GLY B 314 -2.02 25.74 -4.17
CA GLY B 314 -2.62 25.81 -5.49
C GLY B 314 -2.94 27.21 -5.93
N ALA B 315 -2.86 27.46 -7.23
CA ALA B 315 -3.18 28.78 -7.74
C ALA B 315 -3.81 28.70 -9.12
N THR B 316 -4.68 29.66 -9.40
CA THR B 316 -5.02 29.97 -10.78
C THR B 316 -4.74 31.45 -10.94
N GLY B 317 -5.01 32.00 -12.12
CA GLY B 317 -4.75 33.41 -12.34
C GLY B 317 -5.36 34.29 -11.27
N GLY B 318 -6.54 33.94 -10.79
CA GLY B 318 -7.25 34.79 -9.86
C GLY B 318 -7.46 34.23 -8.46
N PHE B 319 -6.86 33.08 -8.15
CA PHE B 319 -7.15 32.41 -6.88
C PHE B 319 -5.90 31.84 -6.24
N GLY B 320 -5.88 31.78 -4.91
CA GLY B 320 -4.80 31.10 -4.22
C GLY B 320 -5.34 30.23 -3.10
N SER B 321 -4.90 28.98 -3.06
N SER B 321 -4.95 28.97 -3.07
CA SER B 321 -5.45 28.00 -2.12
CA SER B 321 -5.45 28.04 -2.06
C SER B 321 -4.34 27.27 -1.37
C SER B 321 -4.33 27.34 -1.34
N TYR B 322 -4.65 26.73 -0.20
CA TYR B 322 -3.66 25.94 0.51
C TYR B 322 -4.41 24.98 1.40
N VAL B 323 -3.88 23.76 1.48
CA VAL B 323 -4.44 22.77 2.39
C VAL B 323 -3.27 22.13 3.13
N ALA B 324 -3.38 21.94 4.43
CA ALA B 324 -2.31 21.25 5.21
C ALA B 324 -2.98 20.47 6.33
N PHE B 325 -2.50 19.28 6.63
CA PHE B 325 -3.05 18.54 7.78
C PHE B 325 -2.03 17.60 8.35
N ILE B 326 -2.28 17.17 9.57
CA ILE B 326 -1.35 16.31 10.29
C ILE B 326 -2.20 15.15 10.81
N PRO B 327 -2.10 13.97 10.18
CA PRO B 327 -3.03 12.91 10.54
C PRO B 327 -2.95 12.50 11.99
N GLU B 328 -1.77 12.39 12.57
CA GLU B 328 -1.71 11.91 13.94
C GLU B 328 -2.36 12.87 14.97
N LYS B 329 -2.49 14.14 14.60
CA LYS B 329 -3.06 15.15 15.49
C LYS B 329 -4.53 15.43 15.15
N GLU B 330 -5.03 14.80 14.09
CA GLU B 330 -6.41 15.00 13.64
C GLU B 330 -6.66 16.49 13.41
N LEU B 331 -5.67 17.12 12.82
CA LEU B 331 -5.61 18.59 12.76
C LEU B 331 -5.39 19.01 11.33
N GLY B 332 -6.10 20.03 10.87
CA GLY B 332 -5.89 20.45 9.49
C GLY B 332 -6.44 21.83 9.21
N ILE B 333 -6.09 22.36 8.03
CA ILE B 333 -6.58 23.69 7.64
C ILE B 333 -6.76 23.80 6.13
N VAL B 334 -7.76 24.58 5.70
CA VAL B 334 -7.93 24.90 4.31
C VAL B 334 -8.06 26.39 4.23
N MET B 335 -7.35 27.03 3.29
CA MET B 335 -7.42 28.47 3.11
C MET B 335 -7.72 28.73 1.64
N LEU B 336 -8.87 29.34 1.34
CA LEU B 336 -9.26 29.57 -0.04
C LEU B 336 -9.43 31.09 -0.21
N ALA B 337 -8.75 31.66 -1.20
CA ALA B 337 -8.79 33.09 -1.42
C ALA B 337 -8.99 33.38 -2.90
N ASN B 338 -9.73 34.44 -3.19
CA ASN B 338 -9.87 34.83 -4.59
C ASN B 338 -8.87 35.88 -5.06
N LYS B 339 -7.61 35.68 -4.68
CA LYS B 339 -6.46 36.38 -5.24
C LYS B 339 -5.29 35.39 -5.08
N ASN B 340 -4.43 35.30 -6.09
CA ASN B 340 -3.24 34.45 -6.07
C ASN B 340 -2.10 35.23 -5.42
N TYR B 341 -1.99 35.09 -4.11
CA TYR B 341 -1.00 35.83 -3.31
C TYR B 341 0.10 34.84 -2.95
N PRO B 342 1.27 35.32 -2.58
CA PRO B 342 2.44 34.44 -2.54
C PRO B 342 2.33 33.25 -1.62
N ASN B 343 2.80 32.09 -2.11
CA ASN B 343 2.75 30.85 -1.34
C ASN B 343 3.33 30.96 0.08
N PRO B 344 4.51 31.60 0.26
CA PRO B 344 5.04 31.57 1.63
C PRO B 344 4.14 32.21 2.68
N ALA B 345 3.38 33.22 2.27
CA ALA B 345 2.41 33.85 3.15
C ALA B 345 1.33 32.86 3.59
N ARG B 346 0.91 31.99 2.67
CA ARG B 346 -0.09 30.96 2.97
C ARG B 346 0.45 29.99 4.01
N VAL B 347 1.65 29.48 3.76
CA VAL B 347 2.21 28.40 4.56
C VAL B 347 2.53 28.99 5.93
N ASP B 348 3.07 30.21 5.95
CA ASP B 348 3.36 30.82 7.23
C ASP B 348 2.12 30.95 8.14
N ALA B 349 1.01 31.39 7.56
CA ALA B 349 -0.22 31.55 8.32
C ALA B 349 -0.73 30.18 8.78
N ALA B 350 -0.74 29.22 7.87
CA ALA B 350 -1.20 27.87 8.20
C ALA B 350 -0.34 27.31 9.34
N TRP B 351 0.98 27.52 9.26
CA TRP B 351 1.89 27.09 10.36
C TRP B 351 1.54 27.72 11.69
N GLN B 352 1.33 29.04 11.72
CA GLN B 352 1.04 29.74 12.98
C GLN B 352 -0.23 29.15 13.59
N ILE B 353 -1.21 28.85 12.76
CA ILE B 353 -2.48 28.36 13.28
C ILE B 353 -2.36 26.91 13.77
N LEU B 354 -1.83 26.04 12.94
CA LEU B 354 -1.76 24.62 13.35
C LEU B 354 -0.75 24.42 14.47
N ASN B 355 0.37 25.16 14.46
CA ASN B 355 1.33 24.99 15.54
C ASN B 355 0.71 25.40 16.88
N ALA B 356 -0.16 26.40 16.84
CA ALA B 356 -0.82 26.89 18.07
C ALA B 356 -1.78 25.85 18.66
N LEU B 357 -2.39 25.08 17.78
CA LEU B 357 -3.46 24.18 18.15
C LEU B 357 -3.00 22.74 18.42
N GLN B 358 -1.79 22.42 18.00
CA GLN B 358 -1.30 21.04 18.04
C GLN B 358 -0.93 20.60 19.45
C01 1U1 C . 14.08 -26.42 9.13
C02 1U1 C . 14.28 -27.40 10.16
C03 1U1 C . 13.15 -28.20 10.27
S04 1U1 C . 11.92 -27.74 9.17
C05 1U1 C . 12.88 -26.47 8.53
CL6 1U1 C . 12.24 -25.50 7.30
C07 1U1 C . 12.83 -29.36 11.30
O08 1U1 C . 11.87 -30.06 10.93
O09 1U1 C . 13.59 -29.54 12.25
S10 1U1 C . 15.72 -27.54 11.00
O11 1U1 C . 16.61 -26.53 10.54
O12 1U1 C . 16.18 -28.88 10.98
N13 1U1 C . 15.41 -27.09 12.57
P PO4 D . -10.05 -24.31 24.95
O1 PO4 D . -10.21 -24.48 26.46
O2 PO4 D . -10.35 -22.86 24.60
O3 PO4 D . -8.62 -24.72 24.61
O4 PO4 D . -11.04 -25.17 24.17
C01 1U1 E . -2.97 27.09 -15.67
C02 1U1 E . -3.88 27.98 -16.38
C03 1U1 E . -4.62 28.67 -15.43
S04 1U1 E . -4.24 28.21 -13.81
C05 1U1 E . -3.06 27.12 -14.32
CL6 1U1 E . -2.12 26.17 -13.25
C07 1U1 E . -5.68 29.80 -15.64
O08 1U1 E . -6.18 29.91 -16.76
O09 1U1 E . -5.92 30.41 -14.58
S10 1U1 E . -3.93 28.12 -18.05
O11 1U1 E . -3.05 27.13 -18.57
O12 1U1 E . -3.75 29.49 -18.43
N13 1U1 E . -5.47 27.64 -18.45
#